data_8FDK
#
_entry.id   8FDK
#
_cell.length_a   53.263
_cell.length_b   53.263
_cell.length_c   194.711
_cell.angle_alpha   90.000
_cell.angle_beta   90.000
_cell.angle_gamma   90.000
#
_symmetry.space_group_name_H-M   'P 41'
#
loop_
_entity.id
_entity.type
_entity.pdbx_description
1 polymer 'Hemoglobin subunit alpha'
2 polymer 'Hemoglobin subunit beta'
3 non-polymer 'PROTOPORPHYRIN IX CONTAINING FE'
4 non-polymer NITROSOBENZENE
5 non-polymer GLYCEROL
6 water water
#
loop_
_entity_poly.entity_id
_entity_poly.type
_entity_poly.pdbx_seq_one_letter_code
_entity_poly.pdbx_strand_id
1 'polypeptide(L)'
;VLSPADKTNVKAAWGKVGAHAGEYGAEALERMFLSFPTTKTYFPHFDLSHGSAQVKGHGKKVADALTNAVAHVDDMPNAL
SALSDLHAHKLRVDPVNFKLLSHCLLVTLAAHLPAEFTPAVHASLDKFLASVSTVLTSKYR
;
A,C
2 'polypeptide(L)'
;VHLTPEEKSAVTALWGKVNVDEVGGEALGRLLVVYPWTQRFFESFGDLSTPDAVMGNPKVKAHGKKVLGAFSDGLAHLDN
LKGTFATLSELH(CSD)DKLHVDPENFRLLGNVLVCVLAHHFGKEFTPPVQAAYQKVVAGVANALAHKYH
;
B,D
#
loop_
_chem_comp.id
_chem_comp.type
_chem_comp.name
_chem_comp.formula
GOL non-polymer GLYCEROL 'C3 H8 O3'
HEM non-polymer 'PROTOPORPHYRIN IX CONTAINING FE' 'C34 H32 Fe N4 O4'
NBE non-polymer NITROSOBENZENE 'C6 H5 N O'
#
# COMPACT_ATOMS: atom_id res chain seq x y z
N VAL A 1 -6.99 -3.43 17.48
CA VAL A 1 -8.31 -3.36 18.10
C VAL A 1 -8.66 -1.90 18.38
N LEU A 2 -9.93 -1.55 18.18
CA LEU A 2 -10.39 -0.20 18.49
C LEU A 2 -10.48 -0.02 19.99
N SER A 3 -9.99 1.12 20.48
CA SER A 3 -10.01 1.40 21.91
C SER A 3 -11.39 1.88 22.35
N PRO A 4 -11.66 1.90 23.66
CA PRO A 4 -12.87 2.57 24.14
C PRO A 4 -12.99 4.00 23.66
N ALA A 5 -11.88 4.74 23.57
CA ALA A 5 -11.94 6.12 23.12
C ALA A 5 -12.25 6.22 21.63
N ASP A 6 -11.68 5.31 20.82
CA ASP A 6 -12.06 5.21 19.41
C ASP A 6 -13.54 4.97 19.26
N LYS A 7 -14.08 4.00 20.00
CA LYS A 7 -15.50 3.68 19.84
C LYS A 7 -16.37 4.87 20.19
N THR A 8 -16.03 5.57 21.27
CA THR A 8 -16.76 6.78 21.63
C THR A 8 -16.64 7.86 20.56
N ASN A 9 -15.42 8.05 20.03
CA ASN A 9 -15.19 9.09 19.03
C ASN A 9 -15.98 8.83 17.76
N VAL A 10 -15.96 7.58 17.28
CA VAL A 10 -16.71 7.22 16.08
C VAL A 10 -18.20 7.43 16.30
N LYS A 11 -18.72 6.96 17.44
CA LYS A 11 -20.16 7.10 17.67
C LYS A 11 -20.56 8.56 17.80
N ALA A 12 -19.69 9.39 18.38
CA ALA A 12 -19.98 10.82 18.48
C ALA A 12 -20.04 11.47 17.11
N ALA A 13 -19.09 11.15 16.23
CA ALA A 13 -19.08 11.71 14.88
C ALA A 13 -20.30 11.26 14.08
N TRP A 14 -20.67 9.98 14.18
CA TRP A 14 -21.91 9.54 13.54
C TRP A 14 -23.12 10.27 14.11
N GLY A 15 -23.15 10.45 15.43
CA GLY A 15 -24.23 11.23 16.03
C GLY A 15 -24.40 12.59 15.40
N LYS A 16 -23.29 13.30 15.20
CA LYS A 16 -23.36 14.63 14.63
C LYS A 16 -23.69 14.59 13.14
N VAL A 17 -23.26 13.51 12.45
CA VAL A 17 -23.69 13.32 11.07
C VAL A 17 -25.20 13.22 11.00
N GLY A 18 -25.79 12.51 11.95
CA GLY A 18 -27.24 12.45 12.04
C GLY A 18 -27.85 11.94 10.76
N ALA A 19 -28.96 12.57 10.36
CA ALA A 19 -29.73 12.15 9.18
C ALA A 19 -29.08 12.50 7.85
N HIS A 20 -27.96 13.22 7.85
CA HIS A 20 -27.26 13.47 6.60
C HIS A 20 -26.44 12.25 6.15
N ALA A 21 -26.49 11.16 6.90
CA ALA A 21 -25.64 10.00 6.63
C ALA A 21 -25.72 9.58 5.16
N GLY A 22 -26.95 9.45 4.65
CA GLY A 22 -27.12 9.01 3.28
C GLY A 22 -26.49 9.95 2.27
N GLU A 23 -26.78 11.25 2.39
CA GLU A 23 -26.25 12.24 1.47
C GLU A 23 -24.71 12.28 1.53
N TYR A 24 -24.14 12.09 2.73
CA TYR A 24 -22.69 12.15 2.84
C TYR A 24 -22.04 10.94 2.18
N GLY A 25 -22.70 9.78 2.27
CA GLY A 25 -22.23 8.61 1.54
C GLY A 25 -22.19 8.85 0.05
N ALA A 26 -23.26 9.43 -0.51
CA ALA A 26 -23.28 9.77 -1.93
C ALA A 26 -22.16 10.73 -2.28
N GLU A 27 -21.91 11.70 -1.42
CA GLU A 27 -20.84 12.66 -1.66
C GLU A 27 -19.47 11.97 -1.65
N ALA A 28 -19.26 11.08 -0.69
CA ALA A 28 -18.00 10.34 -0.65
C ALA A 28 -17.77 9.55 -1.93
N LEU A 29 -18.84 8.94 -2.45
CA LEU A 29 -18.71 8.16 -3.69
C LEU A 29 -18.34 9.06 -4.86
N GLU A 30 -19.05 10.20 -5.00
CA GLU A 30 -18.69 11.14 -6.05
C GLU A 30 -17.25 11.60 -5.92
N ARG A 31 -16.82 11.93 -4.70
CA ARG A 31 -15.43 12.31 -4.50
C ARG A 31 -14.52 11.20 -4.97
N MET A 32 -14.89 9.95 -4.70
CA MET A 32 -14.01 8.85 -5.09
C MET A 32 -13.97 8.69 -6.60
N PHE A 33 -15.14 8.80 -7.25
CA PHE A 33 -15.19 8.61 -8.70
C PHE A 33 -14.42 9.70 -9.43
N LEU A 34 -14.48 10.95 -8.93
CA LEU A 34 -13.76 12.01 -9.63
C LEU A 34 -12.27 11.98 -9.34
N SER A 35 -11.90 11.74 -8.08
CA SER A 35 -10.50 11.78 -7.70
C SER A 35 -9.74 10.57 -8.22
N PHE A 36 -10.39 9.39 -8.18
CA PHE A 36 -9.73 8.12 -8.48
C PHE A 36 -10.53 7.41 -9.56
N PRO A 37 -10.38 7.83 -10.81
CA PRO A 37 -11.32 7.39 -11.86
C PRO A 37 -11.30 5.88 -12.15
N THR A 38 -10.24 5.16 -11.77
CA THR A 38 -10.26 3.70 -11.96
C THR A 38 -11.39 3.06 -11.19
N THR A 39 -11.86 3.71 -10.12
CA THR A 39 -12.91 3.10 -9.33
C THR A 39 -14.22 3.07 -10.09
N LYS A 40 -14.35 3.90 -11.13
CA LYS A 40 -15.57 3.92 -11.94
C LYS A 40 -15.79 2.60 -12.64
N THR A 41 -14.70 1.87 -12.95
CA THR A 41 -14.82 0.61 -13.66
C THR A 41 -15.64 -0.44 -12.92
N TYR A 42 -15.83 -0.30 -11.60
CA TYR A 42 -16.74 -1.19 -10.88
C TYR A 42 -18.20 -0.79 -11.03
N PHE A 43 -18.48 0.41 -11.54
CA PHE A 43 -19.86 0.88 -11.71
C PHE A 43 -20.13 1.29 -13.15
N PRO A 44 -19.74 0.44 -14.13
CA PRO A 44 -19.91 0.86 -15.54
C PRO A 44 -21.36 1.02 -15.94
N HIS A 45 -22.28 0.42 -15.19
CA HIS A 45 -23.70 0.48 -15.46
C HIS A 45 -24.43 1.58 -14.69
N PHE A 46 -23.75 2.30 -13.79
CA PHE A 46 -24.34 3.43 -13.10
C PHE A 46 -24.22 4.67 -13.95
N ASP A 47 -25.18 5.57 -13.79
CA ASP A 47 -24.90 6.94 -14.17
C ASP A 47 -24.16 7.60 -13.02
N LEU A 48 -22.95 8.08 -13.28
CA LEU A 48 -22.11 8.69 -12.27
C LEU A 48 -22.14 10.22 -12.32
N SER A 49 -23.10 10.80 -13.03
CA SER A 49 -23.15 12.25 -13.08
C SER A 49 -23.55 12.83 -11.74
N HIS A 50 -23.18 14.08 -11.51
CA HIS A 50 -23.59 14.75 -10.30
C HIS A 50 -25.11 14.74 -10.18
N GLY A 51 -25.61 14.55 -8.97
CA GLY A 51 -27.04 14.47 -8.75
C GLY A 51 -27.68 13.14 -9.11
N SER A 52 -26.91 12.16 -9.57
CA SER A 52 -27.48 10.89 -10.03
C SER A 52 -28.22 10.19 -8.91
N ALA A 53 -29.49 9.83 -9.17
CA ALA A 53 -30.23 9.06 -8.18
C ALA A 53 -29.61 7.71 -7.89
N GLN A 54 -28.86 7.14 -8.82
CA GLN A 54 -28.23 5.86 -8.55
C GLN A 54 -27.09 6.02 -7.56
N VAL A 55 -26.35 7.13 -7.67
CA VAL A 55 -25.28 7.38 -6.71
C VAL A 55 -25.86 7.73 -5.34
N LYS A 56 -26.96 8.49 -5.32
CA LYS A 56 -27.63 8.82 -4.07
C LYS A 56 -28.10 7.56 -3.36
N GLY A 57 -28.76 6.68 -4.11
CA GLY A 57 -29.27 5.47 -3.50
C GLY A 57 -28.15 4.57 -3.02
N HIS A 58 -27.09 4.46 -3.81
CA HIS A 58 -25.98 3.61 -3.39
C HIS A 58 -25.26 4.20 -2.19
N GLY A 59 -25.15 5.54 -2.14
CA GLY A 59 -24.53 6.18 -1.00
C GLY A 59 -25.29 5.95 0.28
N LYS A 60 -26.61 5.82 0.19
CA LYS A 60 -27.39 5.50 1.39
C LYS A 60 -27.13 4.07 1.82
N LYS A 61 -26.98 3.15 0.86
CA LYS A 61 -26.67 1.78 1.21
C LYS A 61 -25.29 1.68 1.89
N VAL A 62 -24.33 2.46 1.40
CA VAL A 62 -22.98 2.41 1.98
C VAL A 62 -22.97 2.99 3.38
N ALA A 63 -23.63 4.13 3.58
CA ALA A 63 -23.75 4.73 4.90
C ALA A 63 -24.45 3.78 5.87
N ASP A 64 -25.56 3.17 5.45
CA ASP A 64 -26.27 2.22 6.31
C ASP A 64 -25.39 1.03 6.71
N ALA A 65 -24.52 0.57 5.81
CA ALA A 65 -23.59 -0.50 6.16
C ALA A 65 -22.58 -0.03 7.20
N LEU A 66 -22.04 1.17 7.03
CA LEU A 66 -21.11 1.72 8.02
C LEU A 66 -21.81 1.91 9.37
N THR A 67 -23.07 2.38 9.35
CA THR A 67 -23.78 2.55 10.61
C THR A 67 -24.02 1.20 11.29
N ASN A 68 -24.30 0.15 10.50
CA ASN A 68 -24.42 -1.17 11.07
C ASN A 68 -23.12 -1.62 11.72
N ALA A 69 -22.00 -1.32 11.06
CA ALA A 69 -20.70 -1.67 11.64
C ALA A 69 -20.45 -0.90 12.95
N VAL A 70 -20.78 0.39 12.97
CA VAL A 70 -20.70 1.21 14.19
C VAL A 70 -21.52 0.58 15.30
N ALA A 71 -22.75 0.15 14.96
CA ALA A 71 -23.69 -0.36 15.95
C ALA A 71 -23.31 -1.73 16.49
N HIS A 72 -22.43 -2.45 15.80
CA HIS A 72 -21.96 -3.78 16.18
C HIS A 72 -20.44 -3.80 16.14
N VAL A 73 -19.82 -2.73 16.63
CA VAL A 73 -18.41 -2.48 16.39
C VAL A 73 -17.50 -3.56 16.97
N ASP A 74 -17.98 -4.35 17.93
CA ASP A 74 -17.19 -5.45 18.46
C ASP A 74 -17.51 -6.78 17.80
N ASP A 75 -18.34 -6.79 16.76
CA ASP A 75 -18.73 -8.02 16.09
C ASP A 75 -18.75 -7.80 14.58
N MET A 76 -17.79 -7.05 14.09
CA MET A 76 -17.81 -6.55 12.73
C MET A 76 -17.62 -7.68 11.71
N PRO A 77 -16.73 -8.66 11.93
CA PRO A 77 -16.69 -9.82 11.01
C PRO A 77 -18.05 -10.49 10.80
N ASN A 78 -18.82 -10.70 11.88
CA ASN A 78 -20.14 -11.30 11.74
C ASN A 78 -21.11 -10.34 11.06
N ALA A 79 -21.13 -9.08 11.50
CA ALA A 79 -22.15 -8.17 11.00
C ALA A 79 -21.95 -7.91 9.51
N LEU A 80 -20.70 -7.73 9.08
CA LEU A 80 -20.35 -7.45 7.69
C LEU A 80 -20.14 -8.71 6.84
N SER A 81 -20.55 -9.88 7.33
CA SER A 81 -20.21 -11.14 6.68
C SER A 81 -20.71 -11.18 5.25
N ALA A 82 -21.96 -10.79 5.02
CA ALA A 82 -22.51 -10.85 3.67
C ALA A 82 -21.79 -9.88 2.73
N LEU A 83 -21.41 -8.70 3.24
CA LEU A 83 -20.75 -7.72 2.40
C LEU A 83 -19.30 -8.09 2.09
N SER A 84 -18.60 -8.77 3.02
CA SER A 84 -17.25 -9.23 2.69
C SER A 84 -17.30 -10.25 1.55
N ASP A 85 -18.27 -11.17 1.61
CA ASP A 85 -18.40 -12.16 0.55
C ASP A 85 -18.74 -11.48 -0.77
N LEU A 86 -19.62 -10.47 -0.74
CA LEU A 86 -19.98 -9.76 -1.96
C LEU A 86 -18.77 -9.05 -2.56
N HIS A 87 -18.04 -8.27 -1.77
CA HIS A 87 -16.97 -7.47 -2.33
C HIS A 87 -15.77 -8.32 -2.71
N ALA A 88 -15.36 -9.24 -1.84
CA ALA A 88 -14.14 -10.00 -2.08
C ALA A 88 -14.39 -11.16 -3.04
N HIS A 89 -15.43 -11.95 -2.79
CA HIS A 89 -15.66 -13.15 -3.59
C HIS A 89 -16.32 -12.83 -4.93
N LYS A 90 -17.42 -12.07 -4.94
CA LYS A 90 -18.16 -11.87 -6.19
C LYS A 90 -17.64 -10.70 -7.04
N LEU A 91 -17.55 -9.50 -6.46
CA LEU A 91 -17.15 -8.31 -7.20
C LEU A 91 -15.66 -8.21 -7.43
N ARG A 92 -14.84 -8.89 -6.62
CA ARG A 92 -13.39 -8.88 -6.77
C ARG A 92 -12.85 -7.45 -6.75
N VAL A 93 -13.27 -6.66 -5.76
CA VAL A 93 -12.78 -5.30 -5.63
C VAL A 93 -11.31 -5.32 -5.22
N ASP A 94 -10.48 -4.57 -5.94
CA ASP A 94 -9.08 -4.35 -5.59
C ASP A 94 -9.03 -3.77 -4.17
N PRO A 95 -8.30 -4.37 -3.24
CA PRO A 95 -8.29 -3.85 -1.87
C PRO A 95 -7.77 -2.42 -1.75
N VAL A 96 -6.96 -1.96 -2.70
CA VAL A 96 -6.52 -0.56 -2.67
C VAL A 96 -7.73 0.37 -2.70
N ASN A 97 -8.82 -0.05 -3.34
CA ASN A 97 -9.95 0.85 -3.51
C ASN A 97 -10.65 1.15 -2.19
N PHE A 98 -10.52 0.28 -1.18
CA PHE A 98 -11.11 0.60 0.12
C PHE A 98 -10.36 1.73 0.82
N LYS A 99 -9.03 1.77 0.67
CA LYS A 99 -8.29 2.94 1.19
C LYS A 99 -8.76 4.20 0.49
N LEU A 100 -9.03 4.13 -0.81
CA LEU A 100 -9.48 5.34 -1.52
C LEU A 100 -10.86 5.77 -1.03
N LEU A 101 -11.79 4.84 -0.85
CA LEU A 101 -13.11 5.28 -0.39
C LEU A 101 -13.04 5.77 1.05
N SER A 102 -12.27 5.07 1.89
CA SER A 102 -12.09 5.53 3.27
C SER A 102 -11.58 6.95 3.30
N HIS A 103 -10.59 7.26 2.47
CA HIS A 103 -10.06 8.62 2.41
C HIS A 103 -11.15 9.60 2.03
N CYS A 104 -12.00 9.23 1.06
CA CYS A 104 -13.04 10.16 0.61
C CYS A 104 -14.14 10.33 1.65
N LEU A 105 -14.43 9.28 2.42
CA LEU A 105 -15.35 9.40 3.56
C LEU A 105 -14.80 10.37 4.61
N LEU A 106 -13.51 10.26 4.93
CA LEU A 106 -12.88 11.21 5.84
C LEU A 106 -12.98 12.65 5.31
N VAL A 107 -12.65 12.84 4.03
CA VAL A 107 -12.74 14.18 3.45
C VAL A 107 -14.16 14.73 3.56
N THR A 108 -15.16 13.86 3.34
CA THR A 108 -16.56 14.27 3.42
C THR A 108 -16.92 14.73 4.83
N LEU A 109 -16.52 13.95 5.85
CA LEU A 109 -16.80 14.33 7.22
C LEU A 109 -16.09 15.62 7.60
N ALA A 110 -14.83 15.76 7.19
CA ALA A 110 -14.11 17.00 7.42
C ALA A 110 -14.82 18.20 6.80
N ALA A 111 -15.42 18.01 5.62
CA ALA A 111 -16.02 19.14 4.92
C ALA A 111 -17.39 19.53 5.47
N HIS A 112 -17.95 18.69 6.34
CA HIS A 112 -19.27 18.91 6.90
C HIS A 112 -19.25 19.08 8.41
N LEU A 113 -18.21 18.61 9.09
CA LEU A 113 -18.14 18.58 10.55
C LEU A 113 -16.88 19.29 11.04
N PRO A 114 -16.75 20.59 10.78
CA PRO A 114 -15.50 21.29 11.16
C PRO A 114 -15.18 21.22 12.65
N ALA A 115 -16.18 21.23 13.53
CA ALA A 115 -15.91 21.16 14.96
C ALA A 115 -15.58 19.74 15.42
N GLU A 116 -16.19 18.73 14.82
CA GLU A 116 -16.03 17.37 15.31
C GLU A 116 -14.73 16.73 14.81
N PHE A 117 -14.21 17.18 13.67
CA PHE A 117 -13.07 16.53 13.01
C PHE A 117 -11.74 17.01 13.62
N THR A 118 -11.59 16.80 14.93
CA THR A 118 -10.34 17.09 15.62
C THR A 118 -9.27 16.07 15.21
N PRO A 119 -7.98 16.34 15.48
CA PRO A 119 -6.97 15.30 15.22
C PRO A 119 -7.28 13.96 15.87
N ALA A 120 -7.76 13.95 17.12
CA ALA A 120 -8.04 12.69 17.79
C ALA A 120 -9.20 11.93 17.15
N VAL A 121 -10.24 12.65 16.76
CA VAL A 121 -11.39 12.02 16.10
C VAL A 121 -11.02 11.58 14.70
N HIS A 122 -10.23 12.39 13.98
CA HIS A 122 -9.65 11.98 12.70
C HIS A 122 -8.92 10.65 12.82
N ALA A 123 -8.07 10.52 13.83
CA ALA A 123 -7.35 9.25 14.00
C ALA A 123 -8.30 8.10 14.33
N SER A 124 -9.33 8.35 15.14
CA SER A 124 -10.26 7.28 15.47
C SER A 124 -11.04 6.84 14.24
N LEU A 125 -11.56 7.81 13.47
CA LEU A 125 -12.31 7.47 12.26
C LEU A 125 -11.45 6.74 11.23
N ASP A 126 -10.20 7.17 11.04
CA ASP A 126 -9.31 6.42 10.15
C ASP A 126 -9.16 4.96 10.59
N LYS A 127 -8.93 4.75 11.89
CA LYS A 127 -8.81 3.38 12.41
C LYS A 127 -10.07 2.57 12.18
N PHE A 128 -11.24 3.19 12.44
CA PHE A 128 -12.51 2.49 12.23
C PHE A 128 -12.68 2.09 10.79
N LEU A 129 -12.42 3.02 9.86
CA LEU A 129 -12.65 2.73 8.45
C LEU A 129 -11.68 1.68 7.95
N ALA A 130 -10.47 1.67 8.49
CA ALA A 130 -9.51 0.64 8.12
C ALA A 130 -9.97 -0.73 8.63
N SER A 131 -10.57 -0.78 9.84
CA SER A 131 -11.12 -2.02 10.35
C SER A 131 -12.23 -2.55 9.47
N VAL A 132 -13.16 -1.67 9.07
CA VAL A 132 -14.20 -2.07 8.13
C VAL A 132 -13.57 -2.59 6.85
N SER A 133 -12.59 -1.84 6.32
CA SER A 133 -11.95 -2.25 5.07
C SER A 133 -11.30 -3.61 5.23
N THR A 134 -10.68 -3.87 6.39
CA THR A 134 -10.06 -5.17 6.62
C THR A 134 -11.09 -6.30 6.57
N VAL A 135 -12.25 -6.08 7.18
CA VAL A 135 -13.30 -7.09 7.14
C VAL A 135 -13.76 -7.30 5.71
N LEU A 136 -14.02 -6.21 4.98
CA LEU A 136 -14.58 -6.31 3.62
C LEU A 136 -13.61 -6.96 2.64
N THR A 137 -12.32 -6.95 2.91
CA THR A 137 -11.32 -7.60 2.06
C THR A 137 -10.87 -8.96 2.58
N SER A 138 -11.58 -9.54 3.54
CA SER A 138 -11.07 -10.72 4.23
C SER A 138 -11.38 -12.05 3.55
N LYS A 139 -12.18 -12.07 2.48
CA LYS A 139 -12.71 -13.34 1.99
C LYS A 139 -12.39 -13.57 0.51
N TYR A 140 -11.18 -13.19 0.08
CA TYR A 140 -10.76 -13.46 -1.28
C TYR A 140 -10.44 -14.93 -1.45
N ARG A 141 -10.80 -15.50 -2.61
CA ARG A 141 -10.47 -16.88 -2.91
C ARG A 141 -9.76 -17.03 -4.25
N VAL B 1 2.95 16.19 -14.00
CA VAL B 1 1.53 16.03 -14.28
C VAL B 1 1.00 17.21 -15.12
N HIS B 2 -0.05 16.95 -15.89
CA HIS B 2 -0.75 18.00 -16.62
C HIS B 2 -2.11 18.19 -15.98
N LEU B 3 -2.40 19.40 -15.54
CA LEU B 3 -3.74 19.77 -15.09
C LEU B 3 -4.47 20.45 -16.24
N THR B 4 -5.76 20.17 -16.38
CA THR B 4 -6.57 20.93 -17.30
C THR B 4 -6.68 22.36 -16.80
N PRO B 5 -7.09 23.29 -17.67
CA PRO B 5 -7.31 24.67 -17.16
C PRO B 5 -8.30 24.75 -16.02
N GLU B 6 -9.44 24.04 -16.07
CA GLU B 6 -10.33 24.15 -14.91
C GLU B 6 -9.73 23.50 -13.68
N GLU B 7 -8.94 22.44 -13.87
CA GLU B 7 -8.21 21.86 -12.75
C GLU B 7 -7.23 22.85 -12.17
N LYS B 8 -6.41 23.48 -13.02
CA LYS B 8 -5.50 24.51 -12.51
C LYS B 8 -6.28 25.59 -11.79
N SER B 9 -7.37 26.04 -12.40
CA SER B 9 -8.20 27.05 -11.76
C SER B 9 -8.69 26.57 -10.40
N ALA B 10 -9.18 25.33 -10.34
CA ALA B 10 -9.70 24.81 -9.08
C ALA B 10 -8.65 24.82 -7.99
N VAL B 11 -7.42 24.41 -8.32
CA VAL B 11 -6.33 24.41 -7.35
C VAL B 11 -5.92 25.84 -7.01
N THR B 12 -5.67 26.65 -8.04
CA THR B 12 -5.07 27.97 -7.81
C THR B 12 -5.97 28.87 -6.98
N ALA B 13 -7.27 28.88 -7.26
CA ALA B 13 -8.18 29.81 -6.60
C ALA B 13 -8.33 29.52 -5.11
N LEU B 14 -8.44 28.24 -4.75
CA LEU B 14 -8.51 27.92 -3.34
C LEU B 14 -7.14 28.04 -2.67
N TRP B 15 -6.07 27.70 -3.39
CA TRP B 15 -4.74 27.82 -2.81
C TRP B 15 -4.42 29.26 -2.42
N GLY B 16 -4.90 30.24 -3.18
CA GLY B 16 -4.66 31.63 -2.82
C GLY B 16 -5.24 32.05 -1.49
N LYS B 17 -6.24 31.32 -0.98
CA LYS B 17 -6.89 31.65 0.28
C LYS B 17 -6.35 30.86 1.46
N VAL B 18 -5.37 29.98 1.24
CA VAL B 18 -4.88 29.14 2.32
C VAL B 18 -4.08 29.97 3.30
N ASN B 19 -4.28 29.73 4.60
CA ASN B 19 -3.46 30.40 5.61
C ASN B 19 -2.14 29.63 5.63
N VAL B 20 -1.11 30.20 4.98
CA VAL B 20 0.15 29.48 4.80
C VAL B 20 0.98 29.35 6.06
N ASP B 21 0.58 30.00 7.15
CA ASP B 21 1.29 29.87 8.42
C ASP B 21 0.78 28.73 9.29
N GLU B 22 -0.38 28.16 9.00
CA GLU B 22 -1.00 27.15 9.86
C GLU B 22 -1.38 25.86 9.15
N VAL B 23 -1.86 25.93 7.91
CA VAL B 23 -2.36 24.73 7.25
C VAL B 23 -1.27 23.66 7.13
N GLY B 24 -0.01 24.08 6.96
CA GLY B 24 1.06 23.11 6.84
C GLY B 24 1.33 22.37 8.15
N GLY B 25 1.37 23.12 9.24
CA GLY B 25 1.57 22.48 10.54
C GLY B 25 0.41 21.58 10.91
N GLU B 26 -0.82 21.99 10.56
N GLU B 26 -0.81 21.98 10.56
CA GLU B 26 -1.97 21.14 10.83
CA GLU B 26 -1.96 21.12 10.85
C GLU B 26 -1.86 19.81 10.10
C GLU B 26 -1.85 19.79 10.10
N ALA B 27 -1.48 19.85 8.82
CA ALA B 27 -1.35 18.62 8.04
C ALA B 27 -0.21 17.76 8.56
N LEU B 28 0.97 18.35 8.71
CA LEU B 28 2.12 17.58 9.20
C LEU B 28 1.83 17.03 10.59
N GLY B 29 1.20 17.84 11.43
CA GLY B 29 0.83 17.39 12.77
C GLY B 29 -0.19 16.26 12.76
N ARG B 30 -1.24 16.38 11.95
CA ARG B 30 -2.18 15.28 11.89
C ARG B 30 -1.54 14.02 11.34
N LEU B 31 -0.56 14.15 10.44
CA LEU B 31 0.19 12.98 9.99
C LEU B 31 0.77 12.22 11.17
N LEU B 32 1.43 12.96 12.08
CA LEU B 32 2.07 12.29 13.21
C LEU B 32 1.06 11.68 14.16
N VAL B 33 -0.13 12.30 14.28
CA VAL B 33 -1.16 11.80 15.19
C VAL B 33 -1.85 10.58 14.59
N VAL B 34 -2.24 10.67 13.32
CA VAL B 34 -3.03 9.62 12.70
C VAL B 34 -2.16 8.44 12.30
N TYR B 35 -0.89 8.67 11.96
CA TYR B 35 0.03 7.63 11.49
C TYR B 35 1.29 7.66 12.36
N PRO B 36 1.20 7.15 13.58
CA PRO B 36 2.23 7.46 14.60
C PRO B 36 3.64 7.04 14.23
N TRP B 37 3.83 6.08 13.32
CA TRP B 37 5.21 5.71 12.98
C TRP B 37 5.94 6.85 12.30
N THR B 38 5.22 7.85 11.77
CA THR B 38 5.89 8.96 11.10
C THR B 38 6.65 9.83 12.07
N GLN B 39 6.32 9.76 13.37
CA GLN B 39 7.07 10.48 14.37
C GLN B 39 8.55 10.08 14.36
N ARG B 40 8.83 8.82 14.04
CA ARG B 40 10.22 8.38 13.97
C ARG B 40 11.00 9.16 12.92
N PHE B 41 10.37 9.56 11.83
CA PHE B 41 11.02 10.41 10.85
C PHE B 41 11.40 11.77 11.45
N PHE B 42 10.72 12.17 12.53
CA PHE B 42 10.94 13.47 13.16
C PHE B 42 11.34 13.31 14.62
N GLU B 43 12.38 12.52 14.89
CA GLU B 43 12.87 12.40 16.26
C GLU B 43 13.58 13.68 16.71
N SER B 44 14.22 14.37 15.77
CA SER B 44 14.89 15.65 16.01
C SER B 44 13.90 16.82 16.22
N PHE B 45 12.58 16.63 16.28
CA PHE B 45 11.64 17.74 16.38
C PHE B 45 11.08 17.96 17.77
N GLY B 46 11.54 17.21 18.78
CA GLY B 46 11.14 17.52 20.14
C GLY B 46 9.98 16.70 20.66
N ASP B 47 9.06 17.35 21.39
CA ASP B 47 7.96 16.64 22.04
C ASP B 47 6.84 16.36 21.04
N LEU B 48 6.57 15.07 20.83
CA LEU B 48 5.47 14.57 20.02
C LEU B 48 4.65 13.58 20.83
N SER B 49 4.28 13.99 22.06
CA SER B 49 3.73 13.08 23.05
C SER B 49 2.25 12.78 22.81
N THR B 50 1.44 13.81 22.66
CA THR B 50 -0.01 13.71 22.56
C THR B 50 -0.46 14.46 21.32
N PRO B 51 -1.73 14.29 20.92
CA PRO B 51 -2.25 15.14 19.83
C PRO B 51 -2.06 16.62 20.11
N ASP B 52 -2.44 17.07 21.31
CA ASP B 52 -2.26 18.48 21.66
C ASP B 52 -0.79 18.87 21.61
N ALA B 53 0.11 17.98 22.07
CA ALA B 53 1.54 18.28 22.02
C ALA B 53 2.05 18.33 20.58
N VAL B 54 1.62 17.38 19.75
CA VAL B 54 2.06 17.35 18.36
C VAL B 54 1.64 18.63 17.64
N MET B 55 0.37 19.01 17.79
CA MET B 55 -0.19 20.16 17.08
C MET B 55 0.48 21.47 17.49
N GLY B 56 0.97 21.55 18.73
CA GLY B 56 1.59 22.77 19.22
C GLY B 56 3.09 22.88 19.01
N ASN B 57 3.74 21.81 18.57
CA ASN B 57 5.19 21.80 18.45
C ASN B 57 5.64 22.84 17.42
N PRO B 58 6.56 23.74 17.78
CA PRO B 58 6.95 24.80 16.82
C PRO B 58 7.71 24.28 15.61
N LYS B 59 8.50 23.22 15.74
CA LYS B 59 9.21 22.73 14.56
C LYS B 59 8.28 22.01 13.60
N VAL B 60 7.26 21.31 14.13
CA VAL B 60 6.17 20.84 13.29
C VAL B 60 5.60 22.00 12.47
N LYS B 61 5.17 23.05 13.17
CA LYS B 61 4.57 24.18 12.48
C LYS B 61 5.53 24.81 11.48
N ALA B 62 6.83 24.88 11.82
CA ALA B 62 7.80 25.48 10.91
C ALA B 62 8.01 24.63 9.66
N HIS B 63 8.27 23.33 9.83
CA HIS B 63 8.36 22.49 8.65
C HIS B 63 7.05 22.33 7.92
N GLY B 64 5.91 22.55 8.60
CA GLY B 64 4.65 22.63 7.89
C GLY B 64 4.66 23.72 6.83
N LYS B 65 5.14 24.91 7.18
CA LYS B 65 5.32 25.96 6.18
C LYS B 65 6.12 25.45 5.01
N LYS B 66 7.16 24.66 5.29
CA LYS B 66 8.05 24.19 4.24
C LYS B 66 7.33 23.21 3.32
N VAL B 67 6.38 22.42 3.87
CA VAL B 67 5.60 21.49 3.07
C VAL B 67 4.70 22.24 2.08
N LEU B 68 3.98 23.27 2.55
CA LEU B 68 3.23 24.14 1.65
C LEU B 68 4.12 24.75 0.58
N GLY B 69 5.29 25.28 0.98
CA GLY B 69 6.22 25.80 0.00
C GLY B 69 6.54 24.79 -1.08
N ALA B 70 6.71 23.52 -0.69
CA ALA B 70 6.97 22.49 -1.67
C ALA B 70 5.75 22.28 -2.57
N PHE B 71 4.54 22.35 -2.01
CA PHE B 71 3.35 22.27 -2.85
C PHE B 71 3.31 23.41 -3.86
N SER B 72 3.50 24.64 -3.39
CA SER B 72 3.44 25.78 -4.31
C SER B 72 4.49 25.66 -5.41
N ASP B 73 5.72 25.27 -5.05
CA ASP B 73 6.73 25.04 -6.07
C ASP B 73 6.28 23.98 -7.07
N GLY B 74 5.61 22.92 -6.59
CA GLY B 74 5.10 21.91 -7.49
C GLY B 74 4.05 22.45 -8.45
N LEU B 75 3.08 23.20 -7.91
CA LEU B 75 2.05 23.78 -8.77
C LEU B 75 2.66 24.70 -9.82
N ALA B 76 3.79 25.34 -9.52
CA ALA B 76 4.45 26.25 -10.45
C ALA B 76 5.19 25.54 -11.58
N HIS B 77 5.54 24.26 -11.41
CA HIS B 77 6.36 23.53 -12.37
C HIS B 77 5.82 22.11 -12.54
N LEU B 78 4.52 21.98 -12.83
CA LEU B 78 3.88 20.67 -12.83
C LEU B 78 4.48 19.72 -13.87
N ASP B 79 5.04 20.26 -14.95
CA ASP B 79 5.61 19.45 -16.03
C ASP B 79 7.05 19.02 -15.78
N ASN B 80 7.68 19.48 -14.70
CA ASN B 80 9.06 19.06 -14.37
C ASN B 80 9.20 19.03 -12.85
N LEU B 81 8.46 18.14 -12.20
CA LEU B 81 8.49 18.08 -10.75
C LEU B 81 9.83 17.58 -10.23
N LYS B 82 10.50 16.70 -10.97
CA LYS B 82 11.76 16.17 -10.47
C LYS B 82 12.85 17.24 -10.46
N GLY B 83 12.93 18.04 -11.53
CA GLY B 83 13.87 19.15 -11.53
C GLY B 83 13.54 20.20 -10.49
N THR B 84 12.26 20.33 -10.13
CA THR B 84 11.86 21.26 -9.08
C THR B 84 12.35 20.80 -7.72
N PHE B 85 12.30 19.50 -7.47
CA PHE B 85 12.48 18.93 -6.14
C PHE B 85 13.85 18.31 -5.94
N ALA B 86 14.69 18.28 -6.98
CA ALA B 86 15.98 17.59 -6.89
C ALA B 86 16.84 18.17 -5.77
N THR B 87 17.04 19.49 -5.77
CA THR B 87 17.84 20.10 -4.71
C THR B 87 17.17 19.94 -3.35
N LEU B 88 15.83 19.91 -3.32
CA LEU B 88 15.12 19.76 -2.06
C LEU B 88 15.40 18.40 -1.43
N SER B 89 15.32 17.33 -2.21
CA SER B 89 15.62 16.00 -1.67
C SER B 89 17.09 15.88 -1.30
N GLU B 90 17.97 16.42 -2.14
CA GLU B 90 19.40 16.22 -1.91
C GLU B 90 19.91 16.99 -0.70
N LEU B 91 19.37 18.19 -0.43
CA LEU B 91 19.80 18.93 0.75
C LEU B 91 19.51 18.19 2.05
N HIS B 92 18.64 17.17 2.03
CA HIS B 92 18.27 16.41 3.22
C HIS B 92 19.10 15.17 3.47
N CSD B 93 20.16 14.96 2.69
CA CSD B 93 20.89 13.70 2.71
CB CSD B 93 21.66 13.55 4.05
SG CSD B 93 22.99 14.72 4.08
C CSD B 93 19.91 12.55 2.44
O CSD B 93 19.32 12.46 1.36
OD1 CSD B 93 23.56 14.56 2.75
OD2 CSD B 93 24.16 13.91 4.96
N ASP B 94 19.71 11.66 3.41
N ASP B 94 19.71 11.68 3.43
CA ASP B 94 18.77 10.56 3.23
CA ASP B 94 18.77 10.56 3.25
C ASP B 94 17.52 10.70 4.11
C ASP B 94 17.51 10.70 4.10
N LYS B 95 17.18 11.94 4.47
CA LYS B 95 16.04 12.16 5.35
C LYS B 95 14.72 11.91 4.62
N LEU B 96 14.68 12.15 3.32
CA LEU B 96 13.47 11.95 2.53
C LEU B 96 13.35 10.53 1.96
N HIS B 97 14.29 9.65 2.29
CA HIS B 97 14.27 8.29 1.75
C HIS B 97 13.48 7.37 2.69
N VAL B 98 12.16 7.60 2.70
CA VAL B 98 11.22 6.68 3.33
C VAL B 98 10.31 6.14 2.24
N ASP B 99 9.39 5.25 2.60
CA ASP B 99 8.55 4.68 1.56
C ASP B 99 7.73 5.78 0.90
N PRO B 100 7.54 5.72 -0.42
CA PRO B 100 6.69 6.69 -1.10
C PRO B 100 5.28 6.75 -0.53
N GLU B 101 4.81 5.67 0.11
CA GLU B 101 3.48 5.68 0.69
C GLU B 101 3.31 6.77 1.74
N ASN B 102 4.36 7.09 2.50
CA ASN B 102 4.21 8.13 3.52
C ASN B 102 4.04 9.52 2.90
N PHE B 103 4.64 9.75 1.73
CA PHE B 103 4.36 11.00 1.03
C PHE B 103 2.91 11.04 0.53
N ARG B 104 2.38 9.88 0.11
CA ARG B 104 0.97 9.83 -0.25
C ARG B 104 0.08 10.06 0.96
N LEU B 105 0.50 9.59 2.13
CA LEU B 105 -0.29 9.79 3.34
C LEU B 105 -0.31 11.26 3.72
N LEU B 106 0.85 11.93 3.65
CA LEU B 106 0.90 13.35 3.94
C LEU B 106 0.04 14.15 2.98
N GLY B 107 0.10 13.82 1.70
CA GLY B 107 -0.72 14.51 0.71
C GLY B 107 -2.21 14.35 0.98
N ASN B 108 -2.61 13.15 1.41
CA ASN B 108 -4.02 12.94 1.70
C ASN B 108 -4.44 13.58 3.01
N VAL B 109 -3.55 13.65 4.00
CA VAL B 109 -3.85 14.44 5.18
C VAL B 109 -4.00 15.91 4.82
N LEU B 110 -3.13 16.42 3.93
CA LEU B 110 -3.27 17.81 3.50
C LEU B 110 -4.65 18.03 2.91
N VAL B 111 -5.10 17.08 2.10
CA VAL B 111 -6.43 17.17 1.50
C VAL B 111 -7.52 17.19 2.57
N CYS B 112 -7.41 16.34 3.59
CA CYS B 112 -8.37 16.38 4.69
C CYS B 112 -8.35 17.74 5.38
N VAL B 113 -7.16 18.29 5.59
CA VAL B 113 -7.07 19.60 6.22
C VAL B 113 -7.68 20.68 5.33
N LEU B 114 -7.49 20.61 4.01
CA LEU B 114 -8.11 21.60 3.14
C LEU B 114 -9.63 21.48 3.16
N ALA B 115 -10.14 20.24 3.21
CA ALA B 115 -11.58 20.04 3.35
C ALA B 115 -12.09 20.60 4.66
N HIS B 116 -11.32 20.39 5.74
CA HIS B 116 -11.69 20.89 7.05
C HIS B 116 -11.77 22.41 7.05
N HIS B 117 -10.82 23.06 6.41
N HIS B 117 -10.79 23.04 6.41
CA HIS B 117 -10.79 24.52 6.47
CA HIS B 117 -10.71 24.49 6.39
C HIS B 117 -11.75 25.16 5.46
C HIS B 117 -11.80 25.09 5.51
N PHE B 118 -11.99 24.51 4.32
CA PHE B 118 -12.80 25.15 3.30
C PHE B 118 -14.23 24.62 3.21
N GLY B 119 -14.54 23.49 3.87
CA GLY B 119 -15.91 23.02 3.90
C GLY B 119 -16.47 22.82 2.51
N LYS B 120 -17.69 23.36 2.29
CA LYS B 120 -18.41 23.17 1.04
C LYS B 120 -17.58 23.63 -0.16
N GLU B 121 -16.67 24.58 0.04
CA GLU B 121 -15.88 25.12 -1.05
C GLU B 121 -14.95 24.06 -1.64
N PHE B 122 -14.55 23.11 -0.81
CA PHE B 122 -13.68 22.01 -1.22
C PHE B 122 -14.54 20.94 -1.87
N THR B 123 -15.09 21.29 -3.05
CA THR B 123 -16.05 20.46 -3.76
C THR B 123 -15.36 19.19 -4.25
N PRO B 124 -16.13 18.20 -4.71
CA PRO B 124 -15.52 16.99 -5.25
C PRO B 124 -14.62 17.26 -6.45
N PRO B 125 -15.02 18.11 -7.40
CA PRO B 125 -14.08 18.43 -8.49
C PRO B 125 -12.83 19.16 -8.03
N VAL B 126 -12.95 20.02 -7.01
CA VAL B 126 -11.77 20.68 -6.46
C VAL B 126 -10.85 19.65 -5.79
N GLN B 127 -11.42 18.73 -5.01
CA GLN B 127 -10.63 17.67 -4.42
C GLN B 127 -9.89 16.89 -5.49
N ALA B 128 -10.58 16.53 -6.58
CA ALA B 128 -9.97 15.69 -7.60
C ALA B 128 -8.76 16.37 -8.23
N ALA B 129 -8.81 17.68 -8.42
CA ALA B 129 -7.66 18.41 -8.95
C ALA B 129 -6.49 18.36 -7.97
N TYR B 130 -6.77 18.62 -6.69
CA TYR B 130 -5.72 18.53 -5.67
C TYR B 130 -5.14 17.13 -5.57
N GLN B 131 -5.99 16.10 -5.73
CA GLN B 131 -5.44 14.75 -5.68
C GLN B 131 -4.42 14.52 -6.79
N LYS B 132 -4.64 15.11 -7.98
CA LYS B 132 -3.62 15.00 -9.03
C LYS B 132 -2.31 15.63 -8.61
N VAL B 133 -2.37 16.80 -7.96
CA VAL B 133 -1.13 17.49 -7.62
C VAL B 133 -0.41 16.77 -6.49
N VAL B 134 -1.15 16.37 -5.44
CA VAL B 134 -0.48 15.72 -4.33
C VAL B 134 0.11 14.38 -4.75
N ALA B 135 -0.51 13.72 -5.74
CA ALA B 135 0.06 12.47 -6.24
C ALA B 135 1.37 12.72 -7.00
N GLY B 136 1.42 13.76 -7.82
CA GLY B 136 2.66 14.07 -8.53
C GLY B 136 3.77 14.55 -7.62
N VAL B 137 3.42 15.38 -6.62
CA VAL B 137 4.44 15.84 -5.69
C VAL B 137 4.95 14.70 -4.83
N ALA B 138 4.05 13.80 -4.41
CA ALA B 138 4.47 12.60 -3.69
C ALA B 138 5.47 11.78 -4.50
N ASN B 139 5.16 11.54 -5.79
CA ASN B 139 6.06 10.72 -6.59
C ASN B 139 7.43 11.36 -6.74
N ALA B 140 7.47 12.67 -6.98
CA ALA B 140 8.74 13.34 -7.21
C ALA B 140 9.56 13.41 -5.93
N LEU B 141 8.93 13.75 -4.81
CA LEU B 141 9.66 13.86 -3.55
C LEU B 141 10.17 12.52 -3.05
N ALA B 142 9.59 11.40 -3.49
CA ALA B 142 10.05 10.10 -3.02
C ALA B 142 11.14 9.49 -3.90
N HIS B 143 11.29 9.99 -5.14
CA HIS B 143 12.17 9.42 -6.17
C HIS B 143 13.50 8.84 -5.65
N VAL C 1 -9.91 -14.71 7.29
CA VAL C 1 -9.50 -15.79 8.17
C VAL C 1 -8.80 -16.89 7.37
N LEU C 2 -7.77 -17.49 7.96
CA LEU C 2 -7.09 -18.61 7.32
C LEU C 2 -8.02 -19.82 7.27
N SER C 3 -8.08 -20.48 6.12
CA SER C 3 -8.91 -21.66 5.97
C SER C 3 -8.17 -22.88 6.54
N PRO C 4 -8.89 -23.99 6.76
CA PRO C 4 -8.20 -25.24 7.10
C PRO C 4 -7.10 -25.60 6.11
N ALA C 5 -7.31 -25.37 4.81
CA ALA C 5 -6.27 -25.71 3.84
C ALA C 5 -5.06 -24.79 3.95
N ASP C 6 -5.28 -23.50 4.24
CA ASP C 6 -4.16 -22.60 4.54
C ASP C 6 -3.37 -23.09 5.74
N LYS C 7 -4.06 -23.45 6.81
CA LYS C 7 -3.35 -23.89 8.01
C LYS C 7 -2.53 -25.14 7.73
N THR C 8 -3.10 -26.07 6.97
CA THR C 8 -2.35 -27.26 6.57
C THR C 8 -1.15 -26.92 5.70
N ASN C 9 -1.35 -26.01 4.74
CA ASN C 9 -0.28 -25.65 3.82
C ASN C 9 0.87 -24.97 4.55
N VAL C 10 0.55 -24.07 5.48
CA VAL C 10 1.59 -23.40 6.25
C VAL C 10 2.36 -24.41 7.09
N LYS C 11 1.64 -25.27 7.81
CA LYS C 11 2.33 -26.24 8.68
C LYS C 11 3.17 -27.21 7.87
N ALA C 12 2.72 -27.57 6.67
CA ALA C 12 3.50 -28.45 5.81
C ALA C 12 4.80 -27.79 5.37
N ALA C 13 4.73 -26.52 4.96
CA ALA C 13 5.92 -25.81 4.50
C ALA C 13 6.91 -25.60 5.64
N TRP C 14 6.42 -25.28 6.84
CA TRP C 14 7.31 -25.19 8.00
C TRP C 14 7.92 -26.56 8.32
N GLY C 15 7.13 -27.63 8.18
CA GLY C 15 7.68 -28.96 8.37
C GLY C 15 8.88 -29.21 7.47
N LYS C 16 8.76 -28.83 6.20
CA LYS C 16 9.84 -29.06 5.24
C LYS C 16 11.02 -28.13 5.51
N VAL C 17 10.75 -26.90 5.95
CA VAL C 17 11.82 -26.01 6.41
C VAL C 17 12.64 -26.70 7.48
N GLY C 18 11.97 -27.38 8.41
CA GLY C 18 12.68 -28.15 9.42
C GLY C 18 13.59 -27.27 10.24
N ALA C 19 14.76 -27.82 10.58
CA ALA C 19 15.74 -27.13 11.43
C ALA C 19 16.47 -26.01 10.72
N HIS C 20 16.24 -25.79 9.43
CA HIS C 20 16.84 -24.63 8.77
C HIS C 20 16.13 -23.32 9.08
N ALA C 21 15.12 -23.36 9.95
CA ALA C 21 14.27 -22.18 10.16
C ALA C 21 15.11 -20.95 10.50
N GLY C 22 16.05 -21.11 11.43
CA GLY C 22 16.87 -19.98 11.85
C GLY C 22 17.69 -19.40 10.71
N GLU C 23 18.35 -20.26 9.95
CA GLU C 23 19.18 -19.81 8.83
C GLU C 23 18.33 -19.11 7.74
N TYR C 24 17.12 -19.60 7.50
CA TYR C 24 16.26 -18.96 6.49
C TYR C 24 15.77 -17.59 6.96
N GLY C 25 15.49 -17.46 8.26
CA GLY C 25 15.16 -16.14 8.79
C GLY C 25 16.29 -15.15 8.57
N ALA C 26 17.52 -15.56 8.88
CA ALA C 26 18.68 -14.71 8.65
C ALA C 26 18.79 -14.33 7.18
N GLU C 27 18.54 -15.29 6.29
CA GLU C 27 18.63 -15.02 4.86
C GLU C 27 17.54 -14.05 4.43
N ALA C 28 16.33 -14.23 4.94
CA ALA C 28 15.25 -13.30 4.62
C ALA C 28 15.60 -11.88 5.03
N LEU C 29 16.19 -11.73 6.22
CA LEU C 29 16.60 -10.41 6.70
C LEU C 29 17.62 -9.80 5.75
N GLU C 30 18.65 -10.57 5.39
CA GLU C 30 19.68 -10.07 4.49
C GLU C 30 19.06 -9.66 3.16
N ARG C 31 18.14 -10.49 2.64
CA ARG C 31 17.44 -10.11 1.43
C ARG C 31 16.69 -8.79 1.61
N MET C 32 16.08 -8.60 2.78
CA MET C 32 15.37 -7.35 3.03
C MET C 32 16.34 -6.17 3.07
N PHE C 33 17.47 -6.33 3.78
CA PHE C 33 18.36 -5.18 3.93
C PHE C 33 18.96 -4.78 2.58
N LEU C 34 19.28 -5.76 1.72
CA LEU C 34 19.88 -5.40 0.43
C LEU C 34 18.85 -4.86 -0.55
N SER C 35 17.69 -5.52 -0.65
CA SER C 35 16.67 -5.11 -1.60
C SER C 35 16.03 -3.79 -1.22
N PHE C 36 15.82 -3.57 0.08
CA PHE C 36 15.00 -2.44 0.56
C PHE C 36 15.81 -1.70 1.61
N PRO C 37 16.80 -0.90 1.18
CA PRO C 37 17.81 -0.40 2.12
C PRO C 37 17.27 0.52 3.21
N THR C 38 16.10 1.13 3.02
CA THR C 38 15.55 1.95 4.11
C THR C 38 15.25 1.12 5.35
N THR C 39 15.09 -0.20 5.21
CA THR C 39 14.79 -1.00 6.37
C THR C 39 15.99 -1.11 7.31
N LYS C 40 17.20 -0.83 6.80
CA LYS C 40 18.40 -0.89 7.62
C LYS C 40 18.38 0.17 8.72
N THR C 41 17.66 1.27 8.52
CA THR C 41 17.59 2.34 9.51
C THR C 41 17.01 1.87 10.84
N TYR C 42 16.26 0.77 10.88
CA TYR C 42 15.82 0.22 12.16
C TYR C 42 16.91 -0.58 12.85
N PHE C 43 17.99 -0.87 12.16
CA PHE C 43 19.09 -1.67 12.72
C PHE C 43 20.43 -0.94 12.64
N PRO C 44 20.49 0.34 13.04
CA PRO C 44 21.74 1.10 12.87
C PRO C 44 22.88 0.58 13.72
N HIS C 45 22.56 -0.16 14.79
CA HIS C 45 23.56 -0.71 15.69
C HIS C 45 24.00 -2.13 15.33
N PHE C 46 23.36 -2.76 14.35
CA PHE C 46 23.74 -4.09 13.89
C PHE C 46 24.86 -3.99 12.86
N ASP C 47 25.76 -4.96 12.87
CA ASP C 47 26.57 -5.24 11.69
C ASP C 47 25.68 -6.02 10.74
N LEU C 48 25.37 -5.43 9.58
CA LEU C 48 24.55 -6.06 8.56
C LEU C 48 25.38 -6.69 7.44
N SER C 49 26.66 -6.96 7.67
CA SER C 49 27.44 -7.60 6.62
C SER C 49 27.05 -9.07 6.51
N HIS C 50 27.36 -9.64 5.35
CA HIS C 50 27.03 -11.04 5.15
C HIS C 50 27.80 -11.89 6.16
N GLY C 51 27.13 -12.93 6.67
CA GLY C 51 27.69 -13.77 7.72
C GLY C 51 27.67 -13.17 9.11
N SER C 52 27.06 -11.99 9.29
CA SER C 52 27.06 -11.35 10.60
C SER C 52 26.31 -12.18 11.62
N ALA C 53 26.99 -12.48 12.75
CA ALA C 53 26.35 -13.23 13.82
C ALA C 53 25.13 -12.50 14.38
N GLN C 54 25.10 -11.17 14.26
CA GLN C 54 23.94 -10.46 14.79
C GLN C 54 22.72 -10.67 13.89
N VAL C 55 22.93 -10.72 12.58
CA VAL C 55 21.82 -11.02 11.68
C VAL C 55 21.39 -12.47 11.85
N LYS C 56 22.37 -13.36 12.09
CA LYS C 56 22.06 -14.77 12.29
C LYS C 56 21.23 -14.96 13.54
N GLY C 57 21.64 -14.32 14.65
CA GLY C 57 20.87 -14.46 15.87
C GLY C 57 19.49 -13.85 15.75
N HIS C 58 19.40 -12.68 15.10
CA HIS C 58 18.08 -12.04 14.98
C HIS C 58 17.18 -12.83 14.04
N GLY C 59 17.75 -13.43 12.99
CA GLY C 59 16.95 -14.26 12.11
C GLY C 59 16.38 -15.46 12.82
N LYS C 60 17.08 -15.95 13.83
CA LYS C 60 16.53 -17.07 14.62
C LYS C 60 15.37 -16.60 15.47
N LYS C 61 15.48 -15.39 16.04
CA LYS C 61 14.37 -14.83 16.81
C LYS C 61 13.12 -14.67 15.95
N VAL C 62 13.30 -14.19 14.73
CA VAL C 62 12.17 -13.94 13.84
C VAL C 62 11.51 -15.25 13.44
N ALA C 63 12.32 -16.23 13.03
CA ALA C 63 11.79 -17.55 12.70
C ALA C 63 11.06 -18.17 13.89
N ASP C 64 11.66 -18.11 15.10
CA ASP C 64 10.97 -18.63 16.28
C ASP C 64 9.64 -17.95 16.55
N ALA C 65 9.55 -16.63 16.27
CA ALA C 65 8.28 -15.93 16.43
C ALA C 65 7.26 -16.39 15.40
N LEU C 66 7.70 -16.59 14.15
CA LEU C 66 6.79 -17.12 13.13
C LEU C 66 6.32 -18.52 13.52
N THR C 67 7.23 -19.35 14.04
CA THR C 67 6.85 -20.70 14.42
C THR C 67 5.83 -20.68 15.57
N ASN C 68 6.02 -19.77 16.53
CA ASN C 68 5.03 -19.62 17.60
C ASN C 68 3.67 -19.23 17.04
N ALA C 69 3.65 -18.35 16.05
CA ALA C 69 2.38 -17.97 15.42
C ALA C 69 1.74 -19.15 14.69
N VAL C 70 2.56 -19.93 13.96
CA VAL C 70 2.11 -21.18 13.33
C VAL C 70 1.51 -22.11 14.35
N ALA C 71 2.16 -22.24 15.50
CA ALA C 71 1.76 -23.20 16.53
C ALA C 71 0.52 -22.78 17.28
N HIS C 72 0.15 -21.50 17.18
CA HIS C 72 -1.03 -20.92 17.84
C HIS C 72 -1.82 -20.12 16.83
N VAL C 73 -2.01 -20.71 15.65
CA VAL C 73 -2.48 -19.96 14.48
C VAL C 73 -3.90 -19.42 14.66
N ASP C 74 -4.67 -20.00 15.56
CA ASP C 74 -6.02 -19.52 15.83
C ASP C 74 -6.05 -18.56 17.02
N ASP C 75 -4.88 -18.18 17.55
CA ASP C 75 -4.79 -17.32 18.72
C ASP C 75 -3.65 -16.33 18.54
N MET C 76 -3.46 -15.87 17.30
CA MET C 76 -2.30 -15.06 16.97
C MET C 76 -2.26 -13.71 17.69
N PRO C 77 -3.38 -12.97 17.88
CA PRO C 77 -3.28 -11.71 18.66
C PRO C 77 -2.75 -11.92 20.08
N ASN C 78 -3.21 -12.96 20.76
CA ASN C 78 -2.71 -13.25 22.11
C ASN C 78 -1.26 -13.72 22.07
N ALA C 79 -0.93 -14.64 21.15
CA ALA C 79 0.42 -15.19 21.12
C ALA C 79 1.45 -14.12 20.80
N LEU C 80 1.16 -13.25 19.84
CA LEU C 80 2.05 -12.19 19.39
C LEU C 80 1.86 -10.86 20.13
N SER C 81 1.16 -10.88 21.27
CA SER C 81 0.81 -9.65 21.97
C SER C 81 2.04 -8.82 22.31
N ALA C 82 3.06 -9.46 22.90
CA ALA C 82 4.25 -8.73 23.31
C ALA C 82 4.99 -8.16 22.11
N LEU C 83 5.07 -8.93 21.02
CA LEU C 83 5.77 -8.47 19.83
C LEU C 83 5.00 -7.36 19.11
N SER C 84 3.66 -7.38 19.15
CA SER C 84 2.91 -6.28 18.56
C SER C 84 3.20 -4.97 19.30
N ASP C 85 3.28 -5.04 20.63
CA ASP C 85 3.55 -3.83 21.38
C ASP C 85 4.96 -3.31 21.10
N LEU C 86 5.93 -4.22 20.99
CA LEU C 86 7.30 -3.83 20.70
C LEU C 86 7.42 -3.13 19.36
N HIS C 87 6.87 -3.75 18.29
CA HIS C 87 7.07 -3.19 16.96
C HIS C 87 6.25 -1.93 16.74
N ALA C 88 4.99 -1.96 17.11
CA ALA C 88 4.12 -0.83 16.79
C ALA C 88 4.30 0.31 17.79
N HIS C 89 4.24 -0.01 19.07
CA HIS C 89 4.26 1.04 20.09
C HIS C 89 5.68 1.50 20.44
N LYS C 90 6.65 0.59 20.58
CA LYS C 90 8.00 1.00 20.98
C LYS C 90 8.91 1.35 19.81
N LEU C 91 9.07 0.44 18.84
CA LEU C 91 9.99 0.71 17.74
C LEU C 91 9.40 1.54 16.61
N ARG C 92 8.08 1.71 16.56
CA ARG C 92 7.41 2.49 15.52
C ARG C 92 7.84 2.07 14.11
N VAL C 93 7.73 0.77 13.83
CA VAL C 93 8.04 0.27 12.49
C VAL C 93 6.96 0.71 11.51
N ASP C 94 7.38 1.27 10.39
CA ASP C 94 6.47 1.61 9.29
C ASP C 94 5.80 0.32 8.84
N PRO C 95 4.46 0.27 8.81
CA PRO C 95 3.78 -0.97 8.41
C PRO C 95 4.13 -1.45 7.02
N VAL C 96 4.59 -0.57 6.13
CA VAL C 96 5.03 -1.00 4.81
C VAL C 96 6.16 -2.02 4.92
N ASN C 97 6.99 -1.88 5.96
CA ASN C 97 8.15 -2.75 6.09
C ASN C 97 7.76 -4.20 6.37
N PHE C 98 6.56 -4.46 6.91
CA PHE C 98 6.15 -5.85 7.09
C PHE C 98 5.83 -6.54 5.76
N LYS C 99 5.25 -5.80 4.81
CA LYS C 99 5.10 -6.35 3.46
C LYS C 99 6.46 -6.68 2.85
N LEU C 100 7.47 -5.83 3.10
CA LEU C 100 8.78 -6.07 2.49
C LEU C 100 9.43 -7.30 3.11
N LEU C 101 9.35 -7.47 4.44
CA LEU C 101 9.91 -8.68 5.04
C LEU C 101 9.14 -9.93 4.63
N SER C 102 7.80 -9.86 4.63
CA SER C 102 7.02 -11.01 4.16
C SER C 102 7.42 -11.44 2.76
N HIS C 103 7.59 -10.48 1.85
CA HIS C 103 8.03 -10.81 0.51
C HIS C 103 9.36 -11.53 0.53
N CYS C 104 10.28 -11.05 1.36
CA CYS C 104 11.62 -11.68 1.40
C CYS C 104 11.59 -13.06 2.05
N LEU C 105 10.69 -13.28 2.99
CA LEU C 105 10.47 -14.62 3.54
C LEU C 105 9.95 -15.56 2.46
N LEU C 106 8.97 -15.12 1.66
CA LEU C 106 8.49 -15.92 0.55
C LEU C 106 9.61 -16.25 -0.43
N VAL C 107 10.40 -15.24 -0.84
CA VAL C 107 11.51 -15.48 -1.77
C VAL C 107 12.48 -16.53 -1.19
N THR C 108 12.73 -16.46 0.11
CA THR C 108 13.64 -17.40 0.77
C THR C 108 13.09 -18.82 0.73
N LEU C 109 11.79 -18.99 1.04
CA LEU C 109 11.18 -20.31 0.97
C LEU C 109 11.19 -20.84 -0.46
N ALA C 110 10.88 -19.99 -1.43
CA ALA C 110 10.94 -20.39 -2.84
C ALA C 110 12.33 -20.84 -3.25
N ALA C 111 13.37 -20.21 -2.70
CA ALA C 111 14.73 -20.50 -3.12
C ALA C 111 15.28 -21.76 -2.49
N HIS C 112 14.61 -22.29 -1.47
CA HIS C 112 15.07 -23.44 -0.74
C HIS C 112 14.13 -24.63 -0.86
N LEU C 113 12.87 -24.39 -1.19
CA LEU C 113 11.81 -25.42 -1.22
C LEU C 113 11.13 -25.47 -2.58
N PRO C 114 11.88 -25.78 -3.64
CA PRO C 114 11.27 -25.78 -4.99
C PRO C 114 10.01 -26.65 -5.13
N ALA C 115 9.97 -27.82 -4.48
CA ALA C 115 8.81 -28.70 -4.61
C ALA C 115 7.62 -28.20 -3.78
N GLU C 116 7.88 -27.65 -2.60
CA GLU C 116 6.80 -27.27 -1.71
C GLU C 116 6.10 -25.99 -2.15
N PHE C 117 6.82 -25.09 -2.82
CA PHE C 117 6.32 -23.75 -3.15
C PHE C 117 5.43 -23.79 -4.40
N THR C 118 4.38 -24.61 -4.34
CA THR C 118 3.38 -24.60 -5.38
C THR C 118 2.58 -23.29 -5.34
N PRO C 119 1.82 -22.97 -6.38
CA PRO C 119 0.96 -21.77 -6.32
C PRO C 119 0.01 -21.78 -5.14
N ALA C 120 -0.58 -22.94 -4.80
CA ALA C 120 -1.52 -23.00 -3.69
C ALA C 120 -0.83 -22.72 -2.35
N VAL C 121 0.36 -23.27 -2.16
CA VAL C 121 1.08 -23.06 -0.92
C VAL C 121 1.61 -21.63 -0.85
N HIS C 122 2.06 -21.10 -2.00
CA HIS C 122 2.47 -19.69 -2.08
C HIS C 122 1.32 -18.79 -1.64
N ALA C 123 0.11 -19.05 -2.13
CA ALA C 123 -1.04 -18.25 -1.71
C ALA C 123 -1.30 -18.41 -0.22
N SER C 124 -1.16 -19.62 0.32
CA SER C 124 -1.42 -19.81 1.74
C SER C 124 -0.36 -19.11 2.59
N LEU C 125 0.91 -19.26 2.23
CA LEU C 125 1.98 -18.59 2.96
C LEU C 125 1.84 -17.07 2.92
N ASP C 126 1.48 -16.51 1.77
CA ASP C 126 1.25 -15.06 1.70
C ASP C 126 0.13 -14.62 2.67
N LYS C 127 -1.00 -15.34 2.67
CA LYS C 127 -2.08 -15.01 3.59
C LYS C 127 -1.63 -15.10 5.04
N PHE C 128 -0.84 -16.13 5.38
CA PHE C 128 -0.41 -16.29 6.76
C PHE C 128 0.49 -15.14 7.18
N LEU C 129 1.43 -14.75 6.31
CA LEU C 129 2.36 -13.69 6.69
C LEU C 129 1.66 -12.36 6.77
N ALA C 130 0.67 -12.14 5.91
CA ALA C 130 -0.12 -10.93 6.02
C ALA C 130 -0.91 -10.90 7.33
N SER C 131 -1.38 -12.07 7.80
CA SER C 131 -2.06 -12.14 9.10
C SER C 131 -1.12 -11.81 10.24
N VAL C 132 0.10 -12.36 10.22
CA VAL C 132 1.09 -11.99 11.21
C VAL C 132 1.37 -10.50 11.15
N SER C 133 1.53 -9.96 9.95
CA SER C 133 1.83 -8.53 9.83
C SER C 133 0.70 -7.70 10.41
N THR C 134 -0.54 -8.10 10.15
CA THR C 134 -1.68 -7.36 10.68
C THR C 134 -1.64 -7.32 12.20
N VAL C 135 -1.28 -8.45 12.82
CA VAL C 135 -1.16 -8.49 14.27
C VAL C 135 -0.05 -7.57 14.73
N LEU C 136 1.12 -7.67 14.10
CA LEU C 136 2.27 -6.88 14.56
C LEU C 136 2.10 -5.37 14.33
N THR C 137 1.14 -4.96 13.50
CA THR C 137 0.87 -3.54 13.28
C THR C 137 -0.43 -3.08 13.95
N SER C 138 -0.95 -3.84 14.90
CA SER C 138 -2.28 -3.56 15.43
C SER C 138 -2.28 -2.62 16.63
N LYS C 139 -1.14 -2.17 17.13
CA LYS C 139 -1.09 -1.51 18.44
C LYS C 139 -0.36 -0.17 18.36
N TYR C 140 -0.55 0.57 17.27
CA TYR C 140 0.04 1.90 17.16
C TYR C 140 -0.70 2.88 18.07
N ARG C 141 0.06 3.72 18.77
CA ARG C 141 -0.54 4.76 19.61
C ARG C 141 -0.01 6.14 19.27
N VAL D 1 15.81 3.85 -14.16
CA VAL D 1 16.70 3.53 -13.04
C VAL D 1 18.15 3.47 -13.51
N HIS D 2 19.09 3.59 -12.57
CA HIS D 2 20.49 3.35 -12.86
C HIS D 2 20.94 2.14 -12.06
N LEU D 3 21.48 1.14 -12.76
CA LEU D 3 22.07 -0.01 -12.11
C LEU D 3 23.58 0.12 -12.11
N THR D 4 24.20 -0.24 -10.99
CA THR D 4 25.66 -0.37 -10.97
C THR D 4 26.07 -1.44 -11.99
N PRO D 5 27.33 -1.44 -12.41
CA PRO D 5 27.77 -2.53 -13.28
C PRO D 5 27.58 -3.90 -12.64
N GLU D 6 27.88 -4.06 -11.34
CA GLU D 6 27.67 -5.39 -10.75
C GLU D 6 26.19 -5.76 -10.74
N GLU D 7 25.32 -4.77 -10.51
CA GLU D 7 23.88 -5.01 -10.53
C GLU D 7 23.42 -5.38 -11.93
N LYS D 8 23.90 -4.64 -12.94
CA LYS D 8 23.57 -5.00 -14.32
C LYS D 8 24.05 -6.40 -14.64
N SER D 9 25.25 -6.75 -14.18
CA SER D 9 25.75 -8.11 -14.41
C SER D 9 24.87 -9.13 -13.70
N ALA D 10 24.51 -8.86 -12.45
CA ALA D 10 23.70 -9.81 -11.68
C ALA D 10 22.39 -10.12 -12.39
N VAL D 11 21.74 -9.08 -12.94
CA VAL D 11 20.49 -9.26 -13.66
C VAL D 11 20.73 -9.99 -14.98
N THR D 12 21.65 -9.47 -15.78
CA THR D 12 21.84 -9.94 -17.16
C THR D 12 22.19 -11.43 -17.22
N ALA D 13 23.12 -11.87 -16.36
CA ALA D 13 23.59 -13.25 -16.42
C ALA D 13 22.47 -14.23 -16.12
N LEU D 14 21.70 -13.97 -15.08
CA LEU D 14 20.59 -14.86 -14.76
C LEU D 14 19.46 -14.71 -15.78
N TRP D 15 19.23 -13.49 -16.29
CA TRP D 15 18.19 -13.33 -17.28
C TRP D 15 18.47 -14.16 -18.54
N GLY D 16 19.74 -14.32 -18.92
CA GLY D 16 20.05 -15.14 -20.08
C GLY D 16 19.62 -16.58 -19.98
N LYS D 17 19.46 -17.10 -18.76
CA LYS D 17 19.12 -18.50 -18.55
C LYS D 17 17.63 -18.72 -18.34
N VAL D 18 16.83 -17.65 -18.30
CA VAL D 18 15.41 -17.81 -18.04
C VAL D 18 14.73 -18.54 -19.18
N ASN D 19 13.88 -19.50 -18.84
CA ASN D 19 12.98 -20.09 -19.83
C ASN D 19 11.93 -19.07 -20.20
N VAL D 20 12.11 -18.40 -21.34
CA VAL D 20 11.23 -17.32 -21.78
C VAL D 20 9.84 -17.79 -22.18
N ASP D 21 9.62 -19.09 -22.35
CA ASP D 21 8.31 -19.60 -22.72
C ASP D 21 7.41 -19.88 -21.52
N GLU D 22 7.98 -20.04 -20.33
CA GLU D 22 7.27 -20.51 -19.14
C GLU D 22 7.26 -19.52 -17.98
N VAL D 23 8.38 -18.86 -17.71
CA VAL D 23 8.50 -18.09 -16.48
C VAL D 23 7.46 -16.97 -16.44
N GLY D 24 7.17 -16.37 -17.60
CA GLY D 24 6.16 -15.32 -17.64
C GLY D 24 4.77 -15.84 -17.31
N GLY D 25 4.41 -16.99 -17.89
CA GLY D 25 3.13 -17.58 -17.55
C GLY D 25 3.02 -17.92 -16.09
N GLU D 26 4.10 -18.45 -15.51
N GLU D 26 4.09 -18.48 -15.51
CA GLU D 26 4.06 -18.84 -14.11
CA GLU D 26 4.07 -18.84 -14.09
C GLU D 26 3.88 -17.62 -13.19
C GLU D 26 3.88 -17.61 -13.20
N ALA D 27 4.58 -16.52 -13.49
CA ALA D 27 4.43 -15.32 -12.67
C ALA D 27 3.04 -14.71 -12.84
N LEU D 28 2.60 -14.54 -14.08
CA LEU D 28 1.27 -13.96 -14.31
C LEU D 28 0.20 -14.86 -13.69
N GLY D 29 0.35 -16.18 -13.84
CA GLY D 29 -0.60 -17.10 -13.24
C GLY D 29 -0.60 -17.06 -11.72
N ARG D 30 0.60 -17.00 -11.10
CA ARG D 30 0.61 -16.93 -9.64
C ARG D 30 0.01 -15.62 -9.16
N LEU D 31 0.15 -14.55 -9.94
CA LEU D 31 -0.51 -13.29 -9.59
C LEU D 31 -2.00 -13.50 -9.42
N LEU D 32 -2.62 -14.23 -10.36
CA LEU D 32 -4.06 -14.42 -10.32
C LEU D 32 -4.47 -15.37 -9.20
N VAL D 33 -3.61 -16.33 -8.84
CA VAL D 33 -3.91 -17.25 -7.77
C VAL D 33 -3.74 -16.59 -6.42
N VAL D 34 -2.66 -15.84 -6.25
CA VAL D 34 -2.32 -15.32 -4.93
C VAL D 34 -3.13 -14.06 -4.62
N TYR D 35 -3.43 -13.25 -5.63
CA TYR D 35 -4.14 -11.98 -5.48
C TYR D 35 -5.38 -12.05 -6.37
N PRO D 36 -6.42 -12.74 -5.92
CA PRO D 36 -7.51 -13.14 -6.83
C PRO D 36 -8.24 -11.98 -7.50
N TRP D 37 -8.15 -10.77 -6.97
CA TRP D 37 -8.85 -9.67 -7.64
C TRP D 37 -8.24 -9.34 -8.99
N THR D 38 -7.00 -9.76 -9.23
CA THR D 38 -6.35 -9.47 -10.50
C THR D 38 -6.99 -10.23 -11.66
N GLN D 39 -7.74 -11.28 -11.37
CA GLN D 39 -8.48 -11.98 -12.41
C GLN D 39 -9.49 -11.05 -13.09
N ARG D 40 -10.01 -10.08 -12.35
CA ARG D 40 -10.92 -9.11 -12.97
C ARG D 40 -10.27 -8.41 -14.15
N PHE D 41 -8.99 -8.07 -14.04
CA PHE D 41 -8.30 -7.40 -15.13
C PHE D 41 -8.20 -8.27 -16.37
N PHE D 42 -8.29 -9.59 -16.21
CA PHE D 42 -8.13 -10.56 -17.29
C PHE D 42 -9.38 -11.41 -17.47
N GLU D 43 -10.56 -10.80 -17.32
CA GLU D 43 -11.78 -11.57 -17.52
C GLU D 43 -11.97 -11.98 -18.98
N SER D 44 -11.31 -11.28 -19.91
CA SER D 44 -11.29 -11.67 -21.31
C SER D 44 -10.39 -12.88 -21.61
N PHE D 45 -9.71 -13.44 -20.61
CA PHE D 45 -8.75 -14.52 -20.84
C PHE D 45 -9.31 -15.92 -20.60
N GLY D 46 -10.60 -16.06 -20.33
CA GLY D 46 -11.19 -17.39 -20.26
C GLY D 46 -11.33 -17.96 -18.86
N ASP D 47 -10.99 -19.23 -18.67
CA ASP D 47 -11.23 -19.92 -17.41
C ASP D 47 -10.09 -19.67 -16.42
N LEU D 48 -10.41 -19.04 -15.31
CA LEU D 48 -9.47 -18.74 -14.22
C LEU D 48 -10.03 -19.25 -12.90
N SER D 49 -10.57 -20.48 -12.89
CA SER D 49 -11.40 -20.94 -11.80
C SER D 49 -10.63 -21.64 -10.69
N THR D 50 -9.43 -22.15 -10.96
CA THR D 50 -8.67 -22.87 -9.94
C THR D 50 -7.19 -22.66 -10.23
N PRO D 51 -6.33 -22.88 -9.24
CA PRO D 51 -4.87 -22.77 -9.50
C PRO D 51 -4.44 -23.52 -10.75
N ASP D 52 -4.77 -24.81 -10.84
CA ASP D 52 -4.39 -25.62 -11.99
C ASP D 52 -4.93 -25.02 -13.29
N ALA D 53 -6.18 -24.54 -13.27
CA ALA D 53 -6.77 -23.96 -14.47
C ALA D 53 -6.07 -22.66 -14.85
N VAL D 54 -5.88 -21.77 -13.87
CA VAL D 54 -5.16 -20.53 -14.11
C VAL D 54 -3.81 -20.82 -14.74
N MET D 55 -3.07 -21.78 -14.16
CA MET D 55 -1.68 -22.00 -14.54
C MET D 55 -1.58 -22.65 -15.91
N GLY D 56 -2.61 -23.39 -16.33
CA GLY D 56 -2.65 -23.98 -17.64
C GLY D 56 -3.34 -23.17 -18.72
N ASN D 57 -3.99 -22.06 -18.36
CA ASN D 57 -4.72 -21.24 -19.32
C ASN D 57 -3.77 -20.73 -20.40
N PRO D 58 -4.10 -20.89 -21.68
CA PRO D 58 -3.13 -20.54 -22.74
C PRO D 58 -2.92 -19.04 -22.90
N LYS D 59 -3.94 -18.20 -22.64
CA LYS D 59 -3.71 -16.77 -22.80
C LYS D 59 -2.90 -16.20 -21.64
N VAL D 60 -3.05 -16.77 -20.43
CA VAL D 60 -2.09 -16.53 -19.36
C VAL D 60 -0.67 -16.72 -19.86
N LYS D 61 -0.39 -17.94 -20.35
CA LYS D 61 0.95 -18.25 -20.82
C LYS D 61 1.38 -17.29 -21.92
N ALA D 62 0.46 -16.93 -22.83
CA ALA D 62 0.82 -16.06 -23.94
C ALA D 62 1.17 -14.66 -23.46
N HIS D 63 0.29 -14.04 -22.67
CA HIS D 63 0.64 -12.73 -22.16
C HIS D 63 1.79 -12.76 -21.18
N GLY D 64 2.05 -13.91 -20.55
CA GLY D 64 3.23 -14.06 -19.73
C GLY D 64 4.51 -13.84 -20.52
N LYS D 65 4.57 -14.38 -21.76
CA LYS D 65 5.70 -14.08 -22.64
C LYS D 65 5.85 -12.57 -22.82
N LYS D 66 4.72 -11.87 -22.98
CA LYS D 66 4.77 -10.43 -23.19
C LYS D 66 5.23 -9.68 -21.95
N VAL D 67 4.96 -10.22 -20.75
CA VAL D 67 5.47 -9.62 -19.52
C VAL D 67 7.00 -9.67 -19.49
N LEU D 68 7.58 -10.82 -19.80
CA LEU D 68 9.04 -10.90 -19.92
C LEU D 68 9.59 -9.97 -20.98
N GLY D 69 8.94 -9.91 -22.14
CA GLY D 69 9.34 -8.96 -23.16
C GLY D 69 9.44 -7.54 -22.63
N ALA D 70 8.45 -7.14 -21.81
CA ALA D 70 8.51 -5.82 -21.20
C ALA D 70 9.67 -5.70 -20.23
N PHE D 71 9.98 -6.77 -19.48
CA PHE D 71 11.17 -6.72 -18.63
C PHE D 71 12.42 -6.54 -19.47
N SER D 72 12.55 -7.32 -20.55
CA SER D 72 13.75 -7.23 -21.38
C SER D 72 13.86 -5.85 -22.01
N ASP D 73 12.75 -5.31 -22.53
CA ASP D 73 12.76 -3.93 -23.01
C ASP D 73 13.20 -2.97 -21.92
N GLY D 74 12.66 -3.13 -20.71
CA GLY D 74 13.08 -2.28 -19.61
C GLY D 74 14.56 -2.37 -19.33
N LEU D 75 15.08 -3.60 -19.20
CA LEU D 75 16.50 -3.76 -18.93
C LEU D 75 17.36 -3.11 -20.01
N ALA D 76 16.88 -3.11 -21.26
CA ALA D 76 17.63 -2.54 -22.38
C ALA D 76 17.61 -1.02 -22.40
N HIS D 77 16.70 -0.38 -21.67
CA HIS D 77 16.54 1.07 -21.70
C HIS D 77 16.22 1.60 -20.31
N LEU D 78 17.04 1.25 -19.32
CA LEU D 78 16.73 1.58 -17.94
C LEU D 78 16.65 3.09 -17.71
N ASP D 79 17.37 3.88 -18.51
CA ASP D 79 17.40 5.32 -18.34
C ASP D 79 16.23 6.04 -19.02
N ASN D 80 15.40 5.33 -19.79
CA ASN D 80 14.21 5.92 -20.40
C ASN D 80 13.11 4.86 -20.43
N LEU D 81 12.64 4.47 -19.24
CA LEU D 81 11.57 3.48 -19.17
C LEU D 81 10.25 4.06 -19.66
N LYS D 82 10.01 5.35 -19.46
CA LYS D 82 8.75 5.94 -19.91
C LYS D 82 8.68 6.00 -21.43
N GLY D 83 9.79 6.32 -22.08
CA GLY D 83 9.82 6.29 -23.53
C GLY D 83 9.74 4.88 -24.09
N THR D 84 10.26 3.90 -23.37
CA THR D 84 10.16 2.50 -23.80
C THR D 84 8.72 2.01 -23.76
N PHE D 85 7.98 2.37 -22.73
CA PHE D 85 6.70 1.77 -22.44
C PHE D 85 5.52 2.60 -22.93
N ALA D 86 5.77 3.79 -23.48
CA ALA D 86 4.68 4.68 -23.89
C ALA D 86 3.78 4.02 -24.92
N THR D 87 4.38 3.40 -25.96
CA THR D 87 3.58 2.70 -26.95
C THR D 87 2.86 1.51 -26.32
N LEU D 88 3.51 0.84 -25.36
CA LEU D 88 2.92 -0.35 -24.75
C LEU D 88 1.67 -0.01 -23.97
N SER D 89 1.73 1.02 -23.12
CA SER D 89 0.53 1.38 -22.37
C SER D 89 -0.55 1.92 -23.29
N GLU D 90 -0.17 2.68 -24.32
CA GLU D 90 -1.17 3.36 -25.14
C GLU D 90 -1.90 2.38 -26.06
N LEU D 91 -1.20 1.37 -26.59
CA LEU D 91 -1.89 0.38 -27.40
C LEU D 91 -2.97 -0.36 -26.63
N HIS D 92 -3.03 -0.20 -25.31
CA HIS D 92 -3.92 -0.96 -24.45
C HIS D 92 -5.20 -0.21 -24.10
N CSD D 93 -5.38 0.98 -24.65
CA CSD D 93 -6.47 1.85 -24.25
CB CSD D 93 -7.84 1.27 -24.64
SG CSD D 93 -8.06 1.25 -26.39
C CSD D 93 -6.38 2.11 -22.74
O CSD D 93 -5.43 2.69 -22.21
OD1 CSD D 93 -9.48 1.44 -26.64
OD2 CSD D 93 -7.56 2.84 -26.71
N ASP D 94 -7.40 1.64 -22.01
CA ASP D 94 -7.45 1.83 -20.54
C ASP D 94 -7.03 0.60 -19.72
N LYS D 95 -6.61 -0.47 -20.39
CA LYS D 95 -6.45 -1.75 -19.69
C LYS D 95 -5.33 -1.72 -18.66
N LEU D 96 -4.33 -0.88 -18.85
CA LEU D 96 -3.23 -0.82 -17.88
C LEU D 96 -3.47 0.21 -16.78
N HIS D 97 -4.56 0.97 -16.86
CA HIS D 97 -4.87 1.96 -15.83
C HIS D 97 -5.52 1.26 -14.63
N VAL D 98 -4.68 0.53 -13.89
CA VAL D 98 -5.05 0.03 -12.58
C VAL D 98 -4.08 0.60 -11.57
N ASP D 99 -4.30 0.34 -10.28
CA ASP D 99 -3.44 0.94 -9.29
C ASP D 99 -2.00 0.49 -9.52
N PRO D 100 -1.02 1.39 -9.33
CA PRO D 100 0.38 0.99 -9.43
C PRO D 100 0.75 -0.17 -8.53
N GLU D 101 0.03 -0.39 -7.42
CA GLU D 101 0.37 -1.49 -6.52
C GLU D 101 0.32 -2.84 -7.22
N ASN D 102 -0.60 -3.01 -8.19
CA ASN D 102 -0.70 -4.32 -8.84
C ASN D 102 0.49 -4.60 -9.74
N PHE D 103 1.09 -3.56 -10.32
CA PHE D 103 2.34 -3.75 -11.06
C PHE D 103 3.48 -4.10 -10.10
N ARG D 104 3.47 -3.53 -8.89
CA ARG D 104 4.49 -3.95 -7.92
C ARG D 104 4.24 -5.36 -7.45
N LEU D 105 2.98 -5.78 -7.35
CA LEU D 105 2.68 -7.16 -6.98
C LEU D 105 3.16 -8.12 -8.06
N LEU D 106 2.91 -7.78 -9.32
CA LEU D 106 3.37 -8.62 -10.42
C LEU D 106 4.89 -8.77 -10.40
N GLY D 107 5.60 -7.65 -10.20
CA GLY D 107 7.05 -7.70 -10.19
C GLY D 107 7.61 -8.54 -9.06
N ASN D 108 6.94 -8.53 -7.91
CA ASN D 108 7.36 -9.34 -6.78
C ASN D 108 7.01 -10.81 -6.95
N VAL D 109 5.88 -11.12 -7.60
CA VAL D 109 5.61 -12.50 -7.96
C VAL D 109 6.68 -13.01 -8.91
N LEU D 110 7.07 -12.18 -9.89
CA LEU D 110 8.14 -12.58 -10.81
C LEU D 110 9.42 -12.87 -10.06
N VAL D 111 9.75 -12.02 -9.08
CA VAL D 111 10.92 -12.27 -8.23
C VAL D 111 10.79 -13.63 -7.53
N CYS D 112 9.60 -13.92 -6.98
CA CYS D 112 9.39 -15.22 -6.33
C CYS D 112 9.59 -16.36 -7.31
N VAL D 113 9.10 -16.20 -8.55
CA VAL D 113 9.26 -17.25 -9.54
C VAL D 113 10.73 -17.42 -9.91
N LEU D 114 11.47 -16.31 -10.04
CA LEU D 114 12.89 -16.45 -10.35
C LEU D 114 13.62 -17.16 -9.20
N ALA D 115 13.25 -16.84 -7.96
CA ALA D 115 13.80 -17.55 -6.80
C ALA D 115 13.46 -19.02 -6.85
N HIS D 116 12.20 -19.34 -7.20
CA HIS D 116 11.78 -20.73 -7.32
C HIS D 116 12.58 -21.46 -8.38
N HIS D 117 12.79 -20.81 -9.52
N HIS D 117 12.83 -20.83 -9.53
CA HIS D 117 13.47 -21.44 -10.64
CA HIS D 117 13.48 -21.55 -10.61
C HIS D 117 14.95 -21.65 -10.34
C HIS D 117 14.99 -21.58 -10.47
N PHE D 118 15.59 -20.62 -9.78
CA PHE D 118 17.04 -20.58 -9.70
C PHE D 118 17.60 -20.95 -8.34
N GLY D 119 16.77 -21.06 -7.31
CA GLY D 119 17.27 -21.54 -6.03
C GLY D 119 18.42 -20.70 -5.55
N LYS D 120 19.50 -21.38 -5.12
CA LYS D 120 20.66 -20.72 -4.51
C LYS D 120 21.25 -19.64 -5.41
N GLU D 121 21.12 -19.79 -6.72
CA GLU D 121 21.72 -18.81 -7.63
C GLU D 121 21.04 -17.45 -7.52
N PHE D 122 19.77 -17.42 -7.11
CA PHE D 122 19.06 -16.16 -6.90
C PHE D 122 19.43 -15.60 -5.52
N THR D 123 20.70 -15.20 -5.41
CA THR D 123 21.29 -14.77 -4.16
C THR D 123 20.62 -13.50 -3.68
N PRO D 124 20.88 -13.07 -2.45
CA PRO D 124 20.33 -11.80 -1.98
C PRO D 124 20.79 -10.61 -2.80
N PRO D 125 22.08 -10.50 -3.16
CA PRO D 125 22.46 -9.39 -4.06
C PRO D 125 21.81 -9.45 -5.43
N VAL D 126 21.60 -10.64 -5.99
CA VAL D 126 20.91 -10.75 -7.28
C VAL D 126 19.45 -10.31 -7.15
N GLN D 127 18.78 -10.77 -6.10
CA GLN D 127 17.42 -10.29 -5.84
C GLN D 127 17.38 -8.77 -5.75
N ALA D 128 18.34 -8.18 -5.02
CA ALA D 128 18.30 -6.73 -4.81
C ALA D 128 18.36 -5.96 -6.13
N ALA D 129 19.17 -6.44 -7.08
CA ALA D 129 19.26 -5.80 -8.39
C ALA D 129 17.96 -5.95 -9.17
N TYR D 130 17.38 -7.15 -9.16
CA TYR D 130 16.07 -7.37 -9.79
C TYR D 130 15.00 -6.49 -9.17
N GLN D 131 15.06 -6.29 -7.85
CA GLN D 131 14.04 -5.43 -7.23
C GLN D 131 14.13 -4.02 -7.76
N LYS D 132 15.34 -3.52 -8.04
CA LYS D 132 15.45 -2.20 -8.66
C LYS D 132 14.75 -2.17 -10.01
N VAL D 133 14.96 -3.19 -10.83
CA VAL D 133 14.39 -3.19 -12.18
C VAL D 133 12.88 -3.33 -12.12
N VAL D 134 12.38 -4.30 -11.33
CA VAL D 134 10.94 -4.50 -11.30
C VAL D 134 10.23 -3.29 -10.73
N ALA D 135 10.90 -2.54 -9.84
CA ALA D 135 10.31 -1.29 -9.35
C ALA D 135 10.24 -0.25 -10.46
N GLY D 136 11.33 -0.08 -11.21
CA GLY D 136 11.32 0.89 -12.29
C GLY D 136 10.28 0.56 -13.36
N VAL D 137 10.25 -0.71 -13.80
CA VAL D 137 9.27 -1.11 -14.81
C VAL D 137 7.85 -0.94 -14.28
N ALA D 138 7.65 -1.23 -12.98
CA ALA D 138 6.33 -1.01 -12.39
C ALA D 138 5.91 0.44 -12.49
N ASN D 139 6.77 1.38 -12.07
CA ASN D 139 6.40 2.80 -12.11
C ASN D 139 6.08 3.27 -13.51
N ALA D 140 6.88 2.87 -14.50
CA ALA D 140 6.66 3.32 -15.86
C ALA D 140 5.37 2.74 -16.43
N LEU D 141 5.09 1.46 -16.18
CA LEU D 141 3.92 0.82 -16.75
C LEU D 141 2.61 1.30 -16.14
N ALA D 142 2.64 1.87 -14.94
CA ALA D 142 1.42 2.40 -14.35
C ALA D 142 1.19 3.87 -14.70
N HIS D 143 2.23 4.57 -15.16
CA HIS D 143 2.14 5.97 -15.56
C HIS D 143 1.13 6.17 -16.68
CHA HEM E . -22.18 -3.05 -3.29
CHB HEM E . -21.03 -1.17 1.09
CHC HEM E . -16.57 -0.29 -0.59
CHD HEM E . -17.94 -1.49 -5.09
C1A HEM E . -22.23 -2.61 -1.98
C2A HEM E . -23.40 -2.68 -1.12
C3A HEM E . -23.07 -2.19 0.07
C4A HEM E . -21.70 -1.74 0.03
CMA HEM E . -24.04 -2.03 1.29
CAA HEM E . -24.77 -3.28 -1.49
CBA HEM E . -25.67 -2.31 -2.24
CGA HEM E . -26.95 -3.02 -2.60
O1A HEM E . -27.87 -2.35 -3.14
O2A HEM E . -27.05 -4.26 -2.35
C1B HEM E . -19.71 -0.80 1.04
C2B HEM E . -18.91 -0.25 2.12
C3B HEM E . -17.67 -0.03 1.64
C4B HEM E . -17.67 -0.40 0.23
CMB HEM E . -19.41 -0.02 3.57
CAB HEM E . -16.41 0.58 2.30
CBB HEM E . -16.46 1.56 3.22
C1C HEM E . -16.55 -0.46 -1.96
C2C HEM E . -15.50 -0.07 -2.89
C3C HEM E . -15.89 -0.42 -4.13
C4C HEM E . -17.19 -1.03 -4.03
CMC HEM E . -14.19 0.62 -2.45
CAC HEM E . -15.20 -0.24 -5.51
CBC HEM E . -14.37 0.76 -5.79
C1D HEM E . -19.22 -1.99 -4.99
C2D HEM E . -20.04 -2.40 -6.11
C3D HEM E . -21.21 -2.85 -5.62
C4D HEM E . -21.19 -2.71 -4.19
CMD HEM E . -19.61 -2.38 -7.60
CAD HEM E . -22.38 -3.37 -6.49
CBD HEM E . -23.06 -2.11 -7.00
CGD HEM E . -24.30 -2.45 -7.81
O1D HEM E . -25.41 -2.17 -7.30
O2D HEM E . -24.18 -3.00 -8.93
NA HEM E . -21.21 -2.02 -1.24
NB HEM E . -18.93 -0.86 -0.11
NC HEM E . -17.57 -1.04 -2.68
ND HEM E . -19.95 -2.18 -3.83
FE HEM E . -19.41 -1.54 -1.99
CHA HEM F . 15.42 22.10 5.33
CHB HEM F . 11.18 20.90 3.26
CHC HEM F . 11.03 16.76 5.77
CHD HEM F . 14.89 18.31 8.34
C1A HEM F . 14.32 22.12 4.49
C2A HEM F . 14.05 23.06 3.40
C3A HEM F . 12.89 22.72 2.84
C4A HEM F . 12.37 21.55 3.54
CMA HEM F . 12.20 23.45 1.64
CAA HEM F . 14.95 24.24 2.96
CBA HEM F . 15.02 25.28 4.06
CGA HEM F . 13.93 26.30 3.91
O1A HEM F . 13.50 26.59 2.75
O2A HEM F . 13.48 26.84 4.95
C1B HEM F . 10.80 19.65 3.69
C2B HEM F . 9.72 18.83 3.15
C3B HEM F . 9.67 17.69 3.84
C4B HEM F . 10.72 17.73 4.85
CMB HEM F . 8.77 19.19 1.98
CAB HEM F . 8.63 16.56 3.56
CBB HEM F . 8.45 15.54 4.40
C1C HEM F . 12.07 16.83 6.67
C2C HEM F . 12.43 15.78 7.60
C3C HEM F . 13.47 16.19 8.32
C4C HEM F . 13.85 17.52 7.86
CMC HEM F . 11.70 14.43 7.74
CAC HEM F . 14.11 15.32 9.42
CBC HEM F . 14.58 15.91 10.52
C1D HEM F . 15.37 19.48 7.76
C2D HEM F . 16.50 20.29 8.24
C3D HEM F . 16.63 21.34 7.40
C4D HEM F . 15.61 21.24 6.37
CMD HEM F . 17.36 19.99 9.48
CAD HEM F . 17.69 22.47 7.49
CBD HEM F . 17.08 23.74 8.07
CGD HEM F . 16.59 23.49 9.48
O1D HEM F . 15.42 23.06 9.64
O2D HEM F . 17.37 23.71 10.43
NA HEM F . 13.28 21.22 4.54
NB HEM F . 11.38 18.94 4.72
NC HEM F . 12.96 17.88 6.86
ND HEM F . 14.88 20.09 6.63
FE HEM F . 13.12 19.53 5.69
C1 NBE G . 3.10 17.53 -0.29
N NBE G . 2.56 18.86 -0.54
O NBE G . 1.86 19.01 -1.47
C2 NBE G . 2.38 16.42 -0.71
C3 NBE G . 2.88 15.14 -0.47
C4 NBE G . 4.09 15.00 0.20
C5 NBE G . 4.80 16.13 0.61
C6 NBE G . 4.31 17.40 0.37
C1 NBE H . 8.54 12.19 5.12
N NBE H . 9.99 12.07 5.13
O NBE H . 10.51 11.30 5.86
C2 NBE H . 7.81 11.74 4.04
C3 NBE H . 6.42 11.86 4.01
C4 NBE H . 5.78 12.43 5.10
C5 NBE H . 6.51 12.87 6.19
C6 NBE H . 7.89 12.76 6.20
CHA HEM I . 12.65 -7.16 17.26
CHB HEM I . 9.99 -10.68 15.16
CHC HEM I . 9.19 -7.64 11.48
CHD HEM I . 12.37 -4.44 13.25
C1A HEM I . 12.01 -8.36 17.00
C2A HEM I . 12.02 -9.54 17.85
C3A HEM I . 11.28 -10.49 17.27
C4A HEM I . 10.80 -9.98 16.02
CMA HEM I . 11.04 -11.91 17.83
CAA HEM I . 12.72 -9.68 19.22
CBA HEM I . 14.21 -9.93 19.05
CGA HEM I . 14.79 -10.17 20.42
O1A HEM I . 16.01 -10.50 20.48
O2A HEM I . 14.02 -10.03 21.42
C1B HEM I . 9.52 -10.19 13.98
C2B HEM I . 8.62 -10.83 13.02
C3B HEM I . 8.40 -9.94 12.02
C4B HEM I . 9.17 -8.74 12.31
CMB HEM I . 8.00 -12.23 13.18
CAB HEM I . 7.57 -10.07 10.72
CBB HEM I . 7.44 -11.23 10.07
C1C HEM I . 10.03 -6.54 11.58
C2C HEM I . 10.27 -5.54 10.56
C3C HEM I . 11.16 -4.64 11.06
C4C HEM I . 11.48 -5.07 12.39
CMC HEM I . 9.61 -5.53 9.15
CAC HEM I . 11.79 -3.38 10.42
CBC HEM I . 12.12 -3.28 9.14
C1D HEM I . 12.76 -4.91 14.48
C2D HEM I . 13.78 -4.33 15.34
C3D HEM I . 13.85 -5.05 16.46
C4D HEM I . 12.91 -6.16 16.35
CMD HEM I . 14.59 -3.05 14.99
CAD HEM I . 14.83 -4.79 17.63
CBD HEM I . 16.16 -5.36 17.16
CGD HEM I . 17.24 -5.24 18.21
O1D HEM I . 17.74 -4.09 18.45
O2D HEM I . 17.61 -6.27 18.81
NA HEM I . 11.24 -8.67 15.89
NB HEM I . 9.84 -8.93 13.51
NC HEM I . 10.79 -6.23 12.67
ND HEM I . 12.26 -6.02 15.13
FE HEM I . 11.05 -7.44 14.28
C1 NBE J . 28.35 -18.37 2.09
N NBE J . 27.19 -19.10 1.64
O NBE J . 26.19 -19.06 2.25
C2 NBE J . 28.92 -17.40 1.27
C3 NBE J . 30.03 -16.69 1.69
C4 NBE J . 30.58 -16.95 2.94
C5 NBE J . 30.02 -17.91 3.76
C6 NBE J . 28.91 -18.62 3.33
C1 GOL K . 9.79 4.17 5.83
O1 GOL K . 9.88 3.87 4.46
C2 GOL K . 10.98 3.49 6.51
O2 GOL K . 10.58 2.69 7.58
C3 GOL K . 11.94 4.64 6.92
O3 GOL K . 13.25 4.27 6.48
CHA HEM L . -1.05 -6.60 -26.69
CHB HEM L . 2.02 -6.60 -22.93
CHC HEM L . -1.73 -6.58 -19.83
CHD HEM L . -4.68 -7.40 -23.62
C1A HEM L . 0.12 -6.57 -25.95
C2A HEM L . 1.46 -6.52 -26.49
C3A HEM L . 2.32 -6.51 -25.45
C4A HEM L . 1.53 -6.57 -24.23
CMA HEM L . 3.87 -6.45 -25.46
CAA HEM L . 1.66 -6.45 -28.04
CBA HEM L . 2.99 -6.86 -28.67
CGA HEM L . 3.32 -8.32 -28.48
O1A HEM L . 4.54 -8.65 -28.43
O2A HEM L . 2.37 -9.15 -28.39
C1B HEM L . 1.30 -6.52 -21.74
C2B HEM L . 1.82 -6.31 -20.40
C3B HEM L . 0.80 -6.31 -19.54
C4B HEM L . -0.43 -6.52 -20.29
CMB HEM L . 3.30 -6.13 -20.00
CAB HEM L . 0.98 -6.13 -18.01
CBB HEM L . -0.01 -6.39 -17.16
C1C HEM L . -2.86 -6.79 -20.60
C2C HEM L . -4.23 -6.83 -20.12
C3C HEM L . -5.04 -7.06 -21.18
C4C HEM L . -4.20 -7.17 -22.35
CMC HEM L . -4.61 -6.62 -18.63
CAC HEM L . -6.57 -7.21 -21.30
CBC HEM L . -7.42 -7.26 -20.27
C1D HEM L . -3.98 -7.25 -24.80
C2D HEM L . -4.51 -7.36 -26.15
C3D HEM L . -3.49 -7.14 -27.01
C4D HEM L . -2.30 -6.88 -26.22
CMD HEM L . -6.00 -7.67 -26.44
CAD HEM L . -3.46 -7.11 -28.57
CBD HEM L . -4.31 -8.15 -29.30
CGD HEM L . -3.78 -9.54 -29.07
O1D HEM L . -4.62 -10.44 -28.76
O2D HEM L . -2.54 -9.78 -29.17
NA HEM L . 0.20 -6.62 -24.57
NB HEM L . -0.08 -6.64 -21.63
NC HEM L . -2.89 -7.00 -21.95
ND HEM L . -2.64 -6.96 -24.88
FE HEM L . -1.36 -6.84 -23.23
C1 NBE M . 7.24 -6.56 -15.06
N NBE M . 8.42 -7.25 -15.53
O NBE M . 9.46 -6.72 -15.44
C2 NBE M . 6.14 -6.43 -15.88
C3 NBE M . 5.03 -5.77 -15.41
C4 NBE M . 5.01 -5.23 -14.13
C5 NBE M . 6.13 -5.34 -13.32
C6 NBE M . 7.25 -6.01 -13.79
C1 NBE N . -2.02 -5.23 -14.75
N NBE N . -2.78 -4.42 -15.67
O NBE N . -2.74 -3.24 -15.60
C2 NBE N . -2.22 -6.60 -14.72
C3 NBE N . -1.50 -7.39 -13.84
C4 NBE N . -0.57 -6.80 -12.99
C5 NBE N . -0.36 -5.45 -13.00
C6 NBE N . -1.09 -4.65 -13.88
#